data_8S9G
#
_entry.id   8S9G
#
loop_
_entity.id
_entity.type
_entity.pdbx_description
1 polymer 'Processed angiotensin-converting enzyme 2'
2 polymer 'Spike glycoprotein'
3 polymer 'S309 Fab Heavy chain'
4 polymer 'S309 Fab Light chain'
5 branched alpha-D-mannopyranose-(1-6)-beta-D-mannopyranose-(1-4)-2-acetamido-2-deoxy-beta-D-glucopyranose-(1-4)-[alpha-L-fucopyranose-(1-6)]2-acetamido-2-deoxy-beta-D-glucopyranose
6 non-polymer 2-acetamido-2-deoxy-beta-D-glucopyranose
#
loop_
_entity_poly.entity_id
_entity_poly.type
_entity_poly.pdbx_seq_one_letter_code
_entity_poly.pdbx_strand_id
1 'polypeptide(L)'
;STIEEQAKTFLDKFNHEAEDLFYQSSLASWNYNTNITEENVQNMNNAGDKWSAFLKEQSTLAQMYPLQEIQNLTVKLQLQ
ALQQNGSSVLSEDKSKRLNTILNTMSTIYSTGKVCNPDNPQECLLLEPGLNEIMANSLDYNERLWAWESWRSEVGKQLRP
LYEEYVVLKNEMARANHYEDYGDYWRGDYEVNGVDGYDYSRGQLIEDVEHTFEEIKPLYEHLHAYVRAKLMNAYPSYISP
IGCLPAHLLGDMWGRFWTNLYSLTVPFGQKPNIDVTDAMVDQAWDAQRIFKEAEKFFVSVGLPNMTQGFWENSMLTDPGN
VQKAVCHPTAWDLGKGDFRILMCTKVTMDDFLTAHHEMGHIQYDMAYAAQPFLLRNGANEGFHEAVGEIMSLSAATPKHL
KSIGLLSPDFQEDNETEINFLLKQALTIVGTLPFTYMLEKWRWMVFKGEIPKDQWMKKWWEMKREIVGVVEPVPHDETYC
DPASLFHVSNDYSFIRYYTRTLYQFQFQEALCQAAKHEGPLHKCDISNSTEAGQKLFNMLRLGKSEPWTLALENVVGAKN
MNVRPLLNYFEPLFTWLKDQNKNSFVGWSTDWSPYADLVPRGSSAWSHPQFEKGGGSGGGSGGSAWSHPQFEKGSHHHHH
HHHHHGGG
;
A
2 'polypeptide(L)'
;MEWSWVFLFFLSVTTGVHSRFPNITNLCPFHEVFNATTFASVYAWNRTRISNCVADYSVLYNFAPFFAFKCYGVSPTKLN
DLCFTNVYADSFVIRGNEVSQIAPGQTGNIADYNYKLPDDFTGCVIAWNSNKLDSKVSGNYNYLYRLFRKSKLKPFERDI
STEIYQAGNKPCNGVAGFNCYSPLQSYGFRPTYGVGHQPYRVVVLSFELLHAPATVCGPKKSTHHHHHHHHGSGSGLNDI
FEAQKIEWHE
;
E
3 'polypeptide(L)'
;QVQLVQSGAEVKKPGASVKVSCKASGYPFTSYGISWVRQAPGQGLEWMGWISTYNGNTNYAQKFQGRVTMTTDTSTTTGY
MELRRLRSDDTAVYYCARDYTRGAWFGESLIGGFDNWGQGTLVTVSSASTKGPSVFPLAPSSKSTSGGTAALGCLVKDYF
PEPVTVSWNSGALTSGVHTFPAVLQSSGLYSLSSVVTVPSSSLGTQTYICNVNHKPSNTKVDKKVEPKSC
;
H
4 'polypeptide(L)'
;EIVLTQSPGTLSLSPGERATLSCRASQTVSSTSLAWYQQKPGQAPRLLIYGASSRATGIPDRFSGSGSGTDFTLTISRLE
PEDFAVYYCQQHDTSLTFGGGTKVEIKRTVAAPSVFIFPPSDEQLKSGTASVVCLLNNFYPREAKVQWKVDNALQSGNSQ
ESVTEQDSKDSTYSLSSTLTLSKADYEKHKVYACEVTHQGLSSPVTKSFNRGEC
;
L
#
loop_
_chem_comp.id
_chem_comp.type
_chem_comp.name
_chem_comp.formula
BMA D-saccharide, beta linking beta-D-mannopyranose 'C6 H12 O6'
FUC L-saccharide, alpha linking alpha-L-fucopyranose 'C6 H12 O5'
MAN D-saccharide, alpha linking alpha-D-mannopyranose 'C6 H12 O6'
NAG D-saccharide, beta linking 2-acetamido-2-deoxy-beta-D-glucopyranose 'C8 H15 N O6'
#
# COMPACT_ATOMS: atom_id res chain seq x y z
N SER A 1 1.60 -9.40 -35.02
CA SER A 1 2.23 -8.95 -36.26
C SER A 1 1.71 -7.59 -36.73
N THR A 2 0.66 -7.09 -36.09
CA THR A 2 0.03 -5.80 -36.39
C THR A 2 0.10 -4.86 -35.20
N ILE A 3 -0.40 -3.65 -35.36
CA ILE A 3 -0.34 -2.64 -34.31
C ILE A 3 -1.09 -3.10 -33.08
N GLU A 4 -2.22 -3.76 -33.27
CA GLU A 4 -3.00 -4.24 -32.13
C GLU A 4 -2.13 -5.03 -31.17
N GLU A 5 -1.37 -5.98 -31.71
CA GLU A 5 -0.54 -6.86 -30.90
C GLU A 5 0.72 -6.17 -30.41
N GLN A 6 1.31 -5.32 -31.24
CA GLN A 6 2.53 -4.62 -30.86
C GLN A 6 2.25 -3.63 -29.74
N ALA A 7 1.09 -2.99 -29.78
CA ALA A 7 0.68 -2.05 -28.75
C ALA A 7 0.39 -2.85 -27.49
N LYS A 8 -0.24 -4.00 -27.63
CA LYS A 8 -0.53 -4.84 -26.47
C LYS A 8 0.74 -5.23 -25.73
N THR A 9 1.74 -5.69 -26.47
CA THR A 9 3.01 -6.07 -25.87
C THR A 9 3.72 -4.93 -25.16
N PHE A 10 3.71 -3.76 -25.78
CA PHE A 10 4.29 -2.57 -25.20
C PHE A 10 3.69 -2.26 -23.84
N LEU A 11 2.37 -2.27 -23.77
CA LEU A 11 1.68 -1.97 -22.53
C LEU A 11 1.97 -2.99 -21.44
N ASP A 12 2.08 -4.26 -21.81
CA ASP A 12 2.38 -5.28 -20.82
C ASP A 12 3.73 -5.04 -20.15
N LYS A 13 4.74 -4.67 -20.95
CA LYS A 13 6.05 -4.40 -20.39
C LYS A 13 6.00 -3.13 -19.56
N PHE A 14 5.30 -2.12 -20.06
CA PHE A 14 5.19 -0.87 -19.35
C PHE A 14 4.58 -1.07 -17.97
N ASN A 15 3.46 -1.78 -17.92
CA ASN A 15 2.70 -1.90 -16.69
C ASN A 15 3.51 -2.57 -15.58
N HIS A 16 4.26 -3.61 -15.92
CA HIS A 16 5.02 -4.33 -14.90
C HIS A 16 6.24 -3.55 -14.42
N GLU A 17 6.92 -2.88 -15.34
CA GLU A 17 8.08 -2.08 -14.97
C GLU A 17 7.64 -0.84 -14.22
N ALA A 18 6.51 -0.27 -14.65
CA ALA A 18 5.96 0.93 -14.05
C ALA A 18 5.47 0.55 -12.67
N GLU A 19 4.93 -0.66 -12.55
CA GLU A 19 4.36 -1.09 -11.28
C GLU A 19 5.37 -1.00 -10.13
N ASP A 20 6.56 -1.56 -10.34
CA ASP A 20 7.60 -1.48 -9.33
C ASP A 20 8.23 -0.11 -9.08
N LEU A 21 8.49 0.63 -10.16
CA LEU A 21 9.10 1.95 -10.01
C LEU A 21 8.15 2.90 -9.29
N PHE A 22 6.87 2.79 -9.60
CA PHE A 22 5.85 3.58 -8.94
C PHE A 22 5.86 3.30 -7.45
N TYR A 23 5.88 2.01 -7.09
CA TYR A 23 5.89 1.63 -5.69
C TYR A 23 7.07 2.26 -4.97
N GLN A 24 8.26 2.17 -5.56
CA GLN A 24 9.46 2.71 -4.92
C GLN A 24 9.31 4.19 -4.61
N SER A 25 8.77 4.94 -5.58
CA SER A 25 8.57 6.37 -5.41
C SER A 25 7.55 6.66 -4.32
N SER A 26 6.43 5.96 -4.35
CA SER A 26 5.35 6.18 -3.40
C SER A 26 5.77 5.84 -1.98
N LEU A 27 6.53 4.75 -1.83
CA LEU A 27 7.00 4.34 -0.52
C LEU A 27 8.01 5.33 0.03
N ALA A 28 8.93 5.78 -0.81
CA ALA A 28 9.92 6.74 -0.36
C ALA A 28 9.24 8.02 0.10
N SER A 29 8.19 8.43 -0.62
CA SER A 29 7.40 9.58 -0.24
C SER A 29 6.68 9.36 1.09
N TRP A 30 6.10 8.17 1.25
CA TRP A 30 5.46 7.79 2.49
C TRP A 30 6.40 7.95 3.66
N ASN A 31 7.60 7.38 3.53
CA ASN A 31 8.58 7.44 4.61
C ASN A 31 8.95 8.87 4.93
N TYR A 32 9.15 9.69 3.90
CA TYR A 32 9.47 11.10 4.13
C TYR A 32 8.38 11.80 4.92
N ASN A 33 7.12 11.56 4.56
CA ASN A 33 5.99 12.29 5.19
C ASN A 33 5.85 11.88 6.66
N THR A 34 6.55 10.82 7.07
CA THR A 34 6.54 10.41 8.47
C THR A 34 7.89 10.68 9.17
N ASN A 35 8.85 11.23 8.40
CA ASN A 35 10.23 11.48 8.82
C ASN A 35 10.78 12.70 8.07
N ILE A 36 10.29 13.87 8.46
CA ILE A 36 10.77 15.12 7.81
C ILE A 36 12.24 15.35 8.20
N THR A 37 13.19 14.76 7.46
CA THR A 37 14.61 14.98 7.63
C THR A 37 15.35 14.92 6.30
N GLU A 38 16.66 15.15 6.35
CA GLU A 38 17.47 15.21 5.13
C GLU A 38 17.67 13.85 4.48
N GLU A 39 17.85 12.81 5.29
CA GLU A 39 18.10 11.49 4.74
C GLU A 39 16.91 11.09 3.90
N ASN A 40 15.72 11.22 4.47
CA ASN A 40 14.49 10.79 3.80
C ASN A 40 14.10 11.61 2.57
N VAL A 41 14.36 12.91 2.59
CA VAL A 41 13.99 13.72 1.45
C VAL A 41 14.86 13.34 0.26
N GLN A 42 16.11 12.99 0.53
CA GLN A 42 17.02 12.58 -0.54
C GLN A 42 16.59 11.27 -1.20
N ASN A 43 16.16 10.31 -0.39
CA ASN A 43 15.70 9.02 -0.93
C ASN A 43 14.41 9.21 -1.73
N MET A 44 13.56 10.13 -1.27
CA MET A 44 12.33 10.45 -1.97
C MET A 44 12.63 11.02 -3.34
N ASN A 45 13.54 12.00 -3.38
CA ASN A 45 13.87 12.65 -4.63
C ASN A 45 14.51 11.69 -5.62
N ASN A 46 15.33 10.77 -5.12
CA ASN A 46 16.00 9.83 -6.00
C ASN A 46 15.02 8.84 -6.61
N ALA A 47 14.12 8.30 -5.80
CA ALA A 47 13.11 7.37 -6.30
C ALA A 47 12.18 8.09 -7.27
N GLY A 48 11.89 9.36 -6.97
CA GLY A 48 11.04 10.18 -7.81
C GLY A 48 11.64 10.36 -9.20
N ASP A 49 12.94 10.69 -9.25
CA ASP A 49 13.61 10.90 -10.52
C ASP A 49 13.62 9.60 -11.32
N LYS A 50 13.80 8.47 -10.63
CA LYS A 50 13.80 7.18 -11.32
C LYS A 50 12.47 6.99 -12.06
N TRP A 51 11.38 7.25 -11.35
CA TRP A 51 10.04 7.15 -11.92
C TRP A 51 9.77 8.08 -13.10
N SER A 52 10.14 9.35 -12.95
CA SER A 52 9.90 10.33 -14.00
C SER A 52 10.70 10.03 -15.27
N ALA A 53 11.95 9.63 -15.10
CA ALA A 53 12.81 9.32 -16.24
C ALA A 53 12.24 8.15 -17.02
N PHE A 54 11.74 7.15 -16.30
CA PHE A 54 11.12 5.98 -16.91
C PHE A 54 9.95 6.37 -17.79
N LEU A 55 9.06 7.20 -17.27
CA LEU A 55 7.88 7.59 -18.02
C LEU A 55 8.24 8.36 -19.28
N LYS A 56 9.25 9.22 -19.18
CA LYS A 56 9.69 10.03 -20.32
C LYS A 56 10.19 9.15 -21.47
N GLU A 57 10.91 8.08 -21.12
CA GLU A 57 11.43 7.17 -22.13
C GLU A 57 10.32 6.32 -22.76
N GLN A 58 9.38 5.87 -21.93
CA GLN A 58 8.31 5.00 -22.42
C GLN A 58 7.38 5.72 -23.38
N SER A 59 7.19 7.02 -23.15
CA SER A 59 6.27 7.80 -23.99
C SER A 59 6.81 8.00 -25.40
N THR A 60 8.09 7.67 -25.63
CA THR A 60 8.64 7.83 -26.96
C THR A 60 8.58 6.52 -27.74
N LEU A 61 8.12 5.46 -27.07
CA LEU A 61 7.92 4.17 -27.72
C LEU A 61 6.45 4.03 -28.10
N ALA A 62 5.60 4.63 -27.30
CA ALA A 62 4.14 4.60 -27.49
C ALA A 62 3.74 5.25 -28.80
N GLN A 63 4.63 6.07 -29.34
CA GLN A 63 4.35 6.86 -30.54
C GLN A 63 4.39 6.01 -31.79
N MET A 64 4.86 4.78 -31.65
CA MET A 64 5.00 3.88 -32.78
C MET A 64 3.71 3.11 -33.06
N TYR A 65 2.68 3.37 -32.26
CA TYR A 65 1.44 2.62 -32.35
C TYR A 65 0.21 3.51 -32.51
N PRO A 66 -0.09 3.96 -33.74
CA PRO A 66 -1.17 4.87 -34.07
C PRO A 66 -2.50 4.31 -33.55
N LEU A 67 -3.31 5.17 -32.95
CA LEU A 67 -4.56 4.75 -32.32
C LEU A 67 -5.58 4.29 -33.35
N GLN A 68 -5.52 4.85 -34.55
CA GLN A 68 -6.48 4.52 -35.61
C GLN A 68 -6.47 3.13 -36.23
N GLU A 69 -5.44 2.34 -35.94
CA GLU A 69 -5.38 0.96 -36.41
C GLU A 69 -5.42 -0.07 -35.21
N ILE A 70 -6.06 0.43 -34.16
CA ILE A 70 -6.23 -0.31 -32.91
C ILE A 70 -7.74 -0.38 -32.72
N GLN A 71 -8.25 -1.59 -32.53
CA GLN A 71 -9.69 -1.80 -32.39
C GLN A 71 -10.15 -1.86 -30.93
N ASN A 72 -9.37 -2.51 -30.05
CA ASN A 72 -9.76 -2.70 -28.65
C ASN A 72 -9.64 -1.40 -27.85
N LEU A 73 -10.75 -0.98 -27.24
CA LEU A 73 -10.82 0.25 -26.45
C LEU A 73 -9.93 0.19 -25.21
N THR A 74 -9.80 -0.99 -24.62
CA THR A 74 -9.02 -1.12 -23.39
C THR A 74 -7.52 -1.03 -23.68
N VAL A 75 -7.16 -1.08 -24.95
CA VAL A 75 -5.78 -0.90 -25.35
C VAL A 75 -5.54 0.56 -25.65
N LYS A 76 -6.48 1.17 -26.36
CA LYS A 76 -6.39 2.59 -26.70
C LYS A 76 -6.43 3.48 -25.47
N LEU A 77 -7.20 3.09 -24.46
CA LEU A 77 -7.27 3.88 -23.23
C LEU A 77 -5.94 3.87 -22.49
N GLN A 78 -5.24 2.74 -22.52
CA GLN A 78 -3.95 2.62 -21.84
C GLN A 78 -2.83 3.18 -22.71
N LEU A 79 -2.96 3.04 -24.01
CA LEU A 79 -1.94 3.51 -24.93
C LEU A 79 -1.98 5.01 -25.10
N GLN A 80 -3.17 5.56 -25.25
CA GLN A 80 -3.32 7.00 -25.43
C GLN A 80 -2.72 7.74 -24.26
N ALA A 81 -2.83 7.17 -23.07
CA ALA A 81 -2.28 7.75 -21.86
C ALA A 81 -0.77 7.94 -21.96
N LEU A 82 -0.11 7.05 -22.71
CA LEU A 82 1.35 7.10 -22.84
C LEU A 82 1.79 7.79 -24.11
N GLN A 83 0.84 8.28 -24.90
CA GLN A 83 1.20 8.94 -26.15
C GLN A 83 1.20 10.45 -25.99
N GLN A 84 0.79 10.92 -24.82
CA GLN A 84 0.78 12.36 -24.59
C GLN A 84 2.19 12.83 -24.30
N ASN A 85 2.56 13.97 -24.92
CA ASN A 85 3.91 14.53 -24.76
C ASN A 85 3.98 15.51 -23.59
N GLY A 86 2.86 16.15 -23.28
CA GLY A 86 2.81 17.20 -22.27
C GLY A 86 3.63 18.40 -22.70
N SER A 87 4.55 18.83 -21.86
CA SER A 87 5.40 19.98 -22.15
C SER A 87 6.56 19.60 -23.07
N SER A 88 6.77 18.30 -23.28
CA SER A 88 7.89 17.84 -24.09
C SER A 88 7.55 17.93 -25.58
N VAL A 89 7.20 19.14 -25.99
CA VAL A 89 6.86 19.47 -27.36
C VAL A 89 7.46 20.82 -27.67
N LEU A 90 7.87 21.48 -26.59
CA LEU A 90 8.42 22.82 -26.65
C LEU A 90 9.92 22.76 -26.82
N SER A 91 10.52 23.84 -27.28
CA SER A 91 11.97 23.91 -27.41
C SER A 91 12.59 23.84 -26.03
N GLU A 92 13.89 23.55 -25.99
CA GLU A 92 14.57 23.38 -24.71
C GLU A 92 14.42 24.60 -23.82
N ASP A 93 14.43 25.78 -24.42
CA ASP A 93 14.35 27.01 -23.63
C ASP A 93 12.93 27.28 -23.16
N LYS A 94 11.95 26.99 -24.01
CA LYS A 94 10.56 27.18 -23.61
C LYS A 94 10.13 26.17 -22.56
N SER A 95 10.64 24.94 -22.66
CA SER A 95 10.31 23.90 -21.70
C SER A 95 10.89 24.25 -20.33
N LYS A 96 12.18 24.64 -20.31
CA LYS A 96 12.84 25.03 -19.08
C LYS A 96 12.19 26.27 -18.48
N ARG A 97 11.78 27.20 -19.33
CA ARG A 97 11.15 28.42 -18.87
C ARG A 97 9.81 28.13 -18.21
N LEU A 98 9.04 27.22 -18.80
CA LEU A 98 7.74 26.87 -18.24
C LEU A 98 7.90 26.22 -16.88
N ASN A 99 8.87 25.33 -16.73
CA ASN A 99 9.12 24.68 -15.44
C ASN A 99 9.58 25.69 -14.41
N THR A 100 10.38 26.67 -14.84
CA THR A 100 10.85 27.73 -13.95
C THR A 100 9.67 28.55 -13.44
N ILE A 101 8.76 28.90 -14.35
CA ILE A 101 7.59 29.68 -13.99
C ILE A 101 6.71 28.89 -13.04
N LEU A 102 6.50 27.61 -13.36
CA LEU A 102 5.64 26.78 -12.51
C LEU A 102 6.16 26.71 -11.09
N ASN A 103 7.47 26.46 -10.94
CA ASN A 103 8.08 26.38 -9.63
C ASN A 103 8.11 27.71 -8.88
N THR A 104 8.30 28.80 -9.60
CA THR A 104 8.34 30.12 -8.98
C THR A 104 7.00 30.48 -8.39
N MET A 105 5.93 30.23 -9.14
CA MET A 105 4.59 30.60 -8.70
C MET A 105 4.19 29.86 -7.44
N SER A 106 4.48 28.56 -7.38
CA SER A 106 4.11 27.77 -6.21
C SER A 106 4.94 28.19 -4.99
N THR A 107 6.19 28.58 -5.23
CA THR A 107 7.06 29.02 -4.14
C THR A 107 6.52 30.29 -3.49
N ILE A 108 6.13 31.27 -4.31
CA ILE A 108 5.62 32.53 -3.79
C ILE A 108 4.38 32.32 -2.94
N TYR A 109 3.49 31.46 -3.40
CA TYR A 109 2.28 31.15 -2.64
C TYR A 109 2.62 30.57 -1.28
N SER A 110 3.47 29.53 -1.27
CA SER A 110 3.80 28.82 -0.05
C SER A 110 4.57 29.67 0.95
N THR A 111 5.41 30.56 0.46
CA THR A 111 6.23 31.39 1.33
C THR A 111 5.66 32.81 1.46
N GLY A 112 4.44 33.01 0.96
CA GLY A 112 3.83 34.33 0.99
C GLY A 112 3.55 34.77 2.41
N LYS A 113 3.79 36.05 2.68
CA LYS A 113 3.53 36.63 3.99
C LYS A 113 3.01 38.05 3.84
N VAL A 114 2.28 38.53 4.84
CA VAL A 114 1.82 39.91 4.81
C VAL A 114 2.29 40.69 6.03
N CYS A 115 2.70 41.96 5.78
CA CYS A 115 3.19 42.89 6.80
C CYS A 115 3.75 44.15 6.16
N CYS A 123 5.34 39.10 10.84
CA CYS A 123 4.58 38.94 9.61
C CYS A 123 3.73 37.67 9.68
N LEU A 124 2.57 37.69 9.03
CA LEU A 124 1.70 36.53 9.07
C LEU A 124 1.79 35.68 7.81
N LEU A 125 1.65 34.38 8.00
CA LEU A 125 1.58 33.42 6.91
C LEU A 125 0.13 33.04 6.68
N LEU A 126 -0.16 32.47 5.52
CA LEU A 126 -1.53 32.07 5.23
C LEU A 126 -2.02 31.04 6.24
N GLU A 127 -1.19 30.04 6.51
CA GLU A 127 -1.58 28.98 7.43
C GLU A 127 -0.40 28.52 8.28
N PRO A 128 -0.52 28.62 9.60
CA PRO A 128 -1.54 29.29 10.40
C PRO A 128 -1.35 30.80 10.36
N GLY A 129 -2.42 31.55 10.54
CA GLY A 129 -2.33 33.00 10.63
C GLY A 129 -3.53 33.69 9.99
N LEU A 130 -3.43 33.96 8.70
CA LEU A 130 -4.48 34.68 7.99
C LEU A 130 -5.75 33.86 7.89
N ASN A 131 -5.61 32.54 7.73
CA ASN A 131 -6.77 31.67 7.66
C ASN A 131 -7.55 31.69 8.96
N GLU A 132 -6.85 31.85 10.08
CA GLU A 132 -7.50 31.90 11.39
C GLU A 132 -8.31 33.19 11.52
N ILE A 133 -7.76 34.28 11.01
CA ILE A 133 -8.47 35.56 11.03
C ILE A 133 -9.72 35.49 10.19
N MET A 134 -9.61 34.92 9.00
CA MET A 134 -10.74 34.84 8.09
C MET A 134 -11.82 33.88 8.57
N ALA A 135 -11.41 32.82 9.26
CA ALA A 135 -12.34 31.79 9.70
C ALA A 135 -13.05 32.13 11.00
N ASN A 136 -12.36 32.75 11.95
CA ASN A 136 -12.91 32.93 13.28
C ASN A 136 -12.74 34.34 13.84
N SER A 137 -13.33 35.34 13.18
CA SER A 137 -13.30 36.69 13.72
C SER A 137 -14.48 37.54 13.23
N LEU A 138 -15.31 37.99 14.15
CA LEU A 138 -16.45 38.83 13.79
C LEU A 138 -16.05 40.30 13.82
N ASP A 139 -15.14 40.66 12.94
CA ASP A 139 -14.62 42.03 12.85
C ASP A 139 -14.43 42.44 11.40
N TYR A 140 -15.30 43.31 10.90
CA TYR A 140 -15.31 43.68 9.50
C TYR A 140 -13.95 44.17 9.00
N ASN A 141 -13.34 45.08 9.77
CA ASN A 141 -12.10 45.71 9.32
C ASN A 141 -10.91 44.75 9.38
N GLU A 142 -10.85 43.92 10.41
CA GLU A 142 -9.76 42.97 10.53
C GLU A 142 -9.85 41.92 9.43
N ARG A 143 -11.07 41.50 9.12
CA ARG A 143 -11.31 40.51 8.09
C ARG A 143 -10.93 41.06 6.73
N LEU A 144 -11.27 42.33 6.49
CA LEU A 144 -10.95 42.96 5.22
C LEU A 144 -9.46 43.12 5.05
N TRP A 145 -8.76 43.47 6.13
CA TRP A 145 -7.31 43.62 6.06
C TRP A 145 -6.64 42.32 5.63
N ALA A 146 -6.99 41.21 6.28
CA ALA A 146 -6.37 39.94 5.96
C ALA A 146 -6.66 39.56 4.51
N TRP A 147 -7.88 39.82 4.06
CA TRP A 147 -8.29 39.51 2.71
C TRP A 147 -7.49 40.32 1.70
N GLU A 148 -7.43 41.63 1.91
CA GLU A 148 -6.80 42.55 0.97
C GLU A 148 -5.28 42.40 0.93
N SER A 149 -4.66 42.20 2.08
CA SER A 149 -3.21 42.09 2.14
C SER A 149 -2.73 40.86 1.39
N TRP A 150 -3.43 39.75 1.53
CA TRP A 150 -3.02 38.55 0.82
C TRP A 150 -3.06 38.79 -0.70
N ARG A 151 -4.13 39.44 -1.18
CA ARG A 151 -4.29 39.70 -2.60
C ARG A 151 -3.24 40.66 -3.16
N SER A 152 -2.97 41.75 -2.43
CA SER A 152 -2.09 42.79 -2.92
C SER A 152 -0.61 42.53 -2.67
N GLU A 153 -0.30 41.70 -1.67
CA GLU A 153 1.09 41.47 -1.33
C GLU A 153 1.67 40.20 -1.95
N VAL A 154 0.84 39.16 -2.10
CA VAL A 154 1.34 37.87 -2.58
C VAL A 154 0.80 37.51 -3.95
N GLY A 155 -0.52 37.53 -4.10
CA GLY A 155 -1.15 37.11 -5.36
C GLY A 155 -0.86 38.08 -6.50
N LYS A 156 -0.42 39.28 -6.14
CA LYS A 156 -0.14 40.34 -7.09
C LYS A 156 1.17 40.10 -7.81
N GLN A 157 2.04 39.29 -7.21
CA GLN A 157 3.36 39.04 -7.78
C GLN A 157 3.30 38.00 -8.89
N LEU A 158 2.17 37.29 -8.98
CA LEU A 158 2.06 36.18 -9.91
C LEU A 158 1.32 36.40 -11.22
N ARG A 159 0.82 37.60 -11.47
CA ARG A 159 0.17 37.81 -12.74
C ARG A 159 1.12 37.79 -13.95
N PRO A 160 2.29 38.46 -13.87
CA PRO A 160 3.26 38.56 -14.95
C PRO A 160 3.58 37.13 -15.34
N LEU A 161 3.69 36.27 -14.33
CA LEU A 161 4.02 34.87 -14.54
C LEU A 161 2.82 34.12 -15.10
N TYR A 162 1.63 34.42 -14.57
CA TYR A 162 0.42 33.72 -15.05
C TYR A 162 0.21 34.07 -16.52
N GLU A 163 0.39 35.34 -16.89
CA GLU A 163 0.15 35.74 -18.27
C GLU A 163 1.03 34.97 -19.27
N GLU A 164 2.31 34.84 -18.95
CA GLU A 164 3.23 34.09 -19.80
C GLU A 164 2.96 32.59 -19.69
N TYR A 165 2.65 32.13 -18.49
CA TYR A 165 2.29 30.70 -18.28
C TYR A 165 1.15 30.35 -19.24
N VAL A 166 0.06 31.13 -19.24
CA VAL A 166 -1.07 30.79 -20.09
C VAL A 166 -0.65 30.60 -21.54
N VAL A 167 0.24 31.47 -22.03
CA VAL A 167 0.70 31.37 -23.40
C VAL A 167 1.47 30.07 -23.62
N LEU A 168 2.40 29.76 -22.72
CA LEU A 168 3.20 28.55 -22.86
C LEU A 168 2.37 27.29 -22.73
N LYS A 169 1.38 27.31 -21.84
CA LYS A 169 0.51 26.16 -21.65
C LYS A 169 -0.36 25.92 -22.88
N ASN A 170 -0.75 26.99 -23.56
CA ASN A 170 -1.52 26.86 -24.78
C ASN A 170 -0.67 26.27 -25.92
N GLU A 171 0.62 26.60 -25.95
CA GLU A 171 1.50 26.07 -26.99
C GLU A 171 1.58 24.55 -26.91
N MET A 172 1.68 24.03 -25.70
CA MET A 172 1.76 22.57 -25.55
C MET A 172 0.40 21.92 -25.74
N ALA A 173 -0.67 22.63 -25.40
CA ALA A 173 -2.00 22.07 -25.61
C ALA A 173 -2.16 21.98 -27.11
N ARG A 174 -1.78 23.05 -27.83
CA ARG A 174 -1.82 23.00 -29.31
C ARG A 174 -1.02 21.79 -29.81
N ALA A 175 0.26 21.68 -29.44
CA ALA A 175 1.06 20.54 -29.86
C ALA A 175 0.45 19.15 -29.66
N ASN A 176 -0.37 19.00 -28.61
CA ASN A 176 -1.02 17.73 -28.31
C ASN A 176 -2.42 17.65 -28.93
N HIS A 177 -2.70 18.56 -29.87
CA HIS A 177 -3.94 18.60 -30.64
C HIS A 177 -5.19 19.02 -29.86
N TYR A 178 -5.02 20.02 -28.99
CA TYR A 178 -6.14 20.67 -28.32
C TYR A 178 -6.18 22.14 -28.71
N GLU A 179 -7.36 22.76 -28.65
CA GLU A 179 -7.45 24.17 -29.03
C GLU A 179 -6.66 25.06 -28.07
N ASP A 180 -6.72 24.72 -26.79
CA ASP A 180 -6.04 25.47 -25.74
C ASP A 180 -5.94 24.61 -24.49
N TYR A 181 -5.35 25.14 -23.42
CA TYR A 181 -5.17 24.36 -22.20
C TYR A 181 -6.49 24.10 -21.46
N GLY A 182 -7.48 24.97 -21.63
CA GLY A 182 -8.77 24.76 -21.00
C GLY A 182 -9.42 23.55 -21.67
N ASP A 183 -9.26 23.48 -22.98
CA ASP A 183 -9.75 22.37 -23.80
C ASP A 183 -9.01 21.09 -23.42
N TYR A 184 -7.72 21.22 -23.14
CA TYR A 184 -6.90 20.11 -22.69
C TYR A 184 -7.49 19.49 -21.43
N TRP A 185 -7.79 20.31 -20.43
CA TRP A 185 -8.40 19.85 -19.19
C TRP A 185 -9.78 19.25 -19.37
N ARG A 186 -10.61 19.89 -20.19
CA ARG A 186 -11.98 19.40 -20.41
C ARG A 186 -11.96 17.99 -21.00
N GLY A 187 -10.87 17.65 -21.67
CA GLY A 187 -10.69 16.34 -22.30
C GLY A 187 -10.80 15.20 -21.29
N ASP A 188 -10.68 15.52 -20.01
CA ASP A 188 -10.79 14.52 -18.94
C ASP A 188 -12.20 13.92 -18.86
N TYR A 189 -13.17 14.65 -19.45
CA TYR A 189 -14.58 14.25 -19.46
C TYR A 189 -15.00 13.81 -20.86
N GLU A 190 -14.05 13.47 -21.74
CA GLU A 190 -14.38 12.96 -23.06
C GLU A 190 -14.51 11.44 -23.09
N VAL A 191 -15.65 10.95 -23.54
CA VAL A 191 -15.88 9.53 -23.70
C VAL A 191 -16.15 9.00 -25.12
N ASN A 192 -15.56 9.71 -26.08
CA ASN A 192 -15.71 9.35 -27.49
C ASN A 192 -15.25 7.96 -27.89
N GLY A 193 -16.01 7.31 -28.77
CA GLY A 193 -15.70 5.97 -29.23
C GLY A 193 -16.69 4.90 -28.79
N VAL A 194 -17.52 5.22 -27.80
CA VAL A 194 -18.55 4.30 -27.34
C VAL A 194 -19.94 4.81 -27.68
N ASP A 195 -20.57 4.20 -28.67
CA ASP A 195 -21.86 4.68 -29.16
C ASP A 195 -22.94 4.62 -28.09
N GLY A 196 -23.63 5.74 -27.90
CA GLY A 196 -24.74 5.82 -26.96
C GLY A 196 -24.29 6.37 -25.60
N TYR A 197 -22.98 6.36 -25.37
CA TYR A 197 -22.41 6.84 -24.12
C TYR A 197 -21.34 7.88 -24.37
N ASP A 198 -21.23 8.33 -25.61
CA ASP A 198 -20.22 9.29 -26.00
C ASP A 198 -20.48 10.64 -25.36
N TYR A 199 -19.43 11.44 -25.25
CA TYR A 199 -19.53 12.75 -24.63
C TYR A 199 -18.41 13.62 -25.18
N SER A 200 -18.76 14.79 -25.71
CA SER A 200 -17.77 15.71 -26.22
C SER A 200 -17.20 16.54 -25.09
N ARG A 201 -15.91 16.79 -25.10
CA ARG A 201 -15.32 17.56 -24.01
C ARG A 201 -15.91 18.97 -23.94
N GLY A 202 -16.33 19.51 -25.08
CA GLY A 202 -16.94 20.84 -25.12
C GLY A 202 -18.38 20.82 -24.62
N GLN A 203 -18.88 19.61 -24.34
CA GLN A 203 -20.23 19.40 -23.86
C GLN A 203 -20.30 19.65 -22.37
N LEU A 204 -19.14 19.65 -21.70
CA LEU A 204 -19.10 19.85 -20.27
C LEU A 204 -19.67 21.22 -19.92
N ILE A 205 -19.39 22.20 -20.78
CA ILE A 205 -19.86 23.55 -20.55
C ILE A 205 -21.38 23.60 -20.55
N GLU A 206 -22.00 22.96 -21.53
CA GLU A 206 -23.44 22.96 -21.66
C GLU A 206 -24.13 22.27 -20.48
N ASP A 207 -23.56 21.16 -20.02
CA ASP A 207 -24.17 20.41 -18.93
C ASP A 207 -23.98 21.09 -17.59
N VAL A 208 -22.83 21.71 -17.37
CA VAL A 208 -22.59 22.44 -16.13
C VAL A 208 -23.54 23.63 -16.03
N GLU A 209 -23.72 24.36 -17.13
CA GLU A 209 -24.64 25.49 -17.13
C GLU A 209 -26.08 25.02 -16.89
N HIS A 210 -26.44 23.89 -17.50
CA HIS A 210 -27.79 23.35 -17.36
C HIS A 210 -28.12 23.01 -15.91
N THR A 211 -27.23 22.25 -15.27
CA THR A 211 -27.49 21.83 -13.90
C THR A 211 -27.34 22.99 -12.92
N PHE A 212 -26.47 23.93 -13.23
CA PHE A 212 -26.29 25.08 -12.36
C PHE A 212 -27.58 25.88 -12.23
N GLU A 213 -28.22 26.17 -13.36
CA GLU A 213 -29.43 26.97 -13.35
C GLU A 213 -30.58 26.27 -12.63
N GLU A 214 -30.61 24.93 -12.70
CA GLU A 214 -31.64 24.17 -12.01
C GLU A 214 -31.43 24.13 -10.50
N ILE A 215 -30.17 24.19 -10.06
CA ILE A 215 -29.86 24.21 -8.63
C ILE A 215 -30.00 25.61 -8.05
N LYS A 216 -29.66 26.62 -8.85
CA LYS A 216 -29.63 28.00 -8.42
C LYS A 216 -30.79 28.41 -7.48
N PRO A 217 -32.06 28.07 -7.76
CA PRO A 217 -33.22 28.39 -6.92
C PRO A 217 -33.01 28.00 -5.45
N LEU A 218 -32.30 26.89 -5.21
CA LEU A 218 -32.00 26.46 -3.86
C LEU A 218 -30.98 27.41 -3.26
N TYR A 219 -30.00 27.78 -4.08
CA TYR A 219 -28.96 28.70 -3.66
C TYR A 219 -29.53 30.09 -3.37
N GLU A 220 -30.51 30.52 -4.17
CA GLU A 220 -31.08 31.84 -3.98
C GLU A 220 -31.78 31.97 -2.63
N HIS A 221 -32.48 30.92 -2.20
CA HIS A 221 -33.13 30.92 -0.90
C HIS A 221 -32.12 30.77 0.24
N LEU A 222 -31.08 29.96 0.03
CA LEU A 222 -30.03 29.80 1.02
C LEU A 222 -29.27 31.11 1.18
N HIS A 223 -28.95 31.73 0.06
CA HIS A 223 -28.23 32.99 0.01
C HIS A 223 -29.00 34.07 0.71
N ALA A 224 -30.29 34.18 0.41
CA ALA A 224 -31.15 35.20 1.02
C ALA A 224 -31.24 35.01 2.53
N TYR A 225 -31.40 33.76 2.97
CA TYR A 225 -31.46 33.45 4.39
C TYR A 225 -30.18 33.83 5.10
N VAL A 226 -29.05 33.41 4.54
CA VAL A 226 -27.76 33.71 5.12
C VAL A 226 -27.54 35.21 5.18
N ARG A 227 -27.87 35.90 4.10
CA ARG A 227 -27.74 37.35 4.05
C ARG A 227 -28.52 38.01 5.19
N ALA A 228 -29.77 37.59 5.38
CA ALA A 228 -30.62 38.16 6.42
C ALA A 228 -30.02 37.93 7.80
N LYS A 229 -29.40 36.78 8.00
CA LYS A 229 -28.81 36.44 9.30
C LYS A 229 -27.47 37.13 9.52
N LEU A 230 -26.68 37.28 8.47
CA LEU A 230 -25.37 37.92 8.60
C LEU A 230 -25.54 39.40 8.92
N MET A 231 -26.65 39.99 8.47
CA MET A 231 -26.93 41.39 8.74
C MET A 231 -27.09 41.67 10.23
N ASN A 232 -27.22 40.62 11.04
CA ASN A 232 -27.30 40.79 12.48
C ASN A 232 -25.92 41.08 13.06
N ALA A 233 -24.88 40.56 12.40
CA ALA A 233 -23.50 40.77 12.82
C ALA A 233 -22.88 41.93 12.07
N TYR A 234 -23.35 42.16 10.84
CA TYR A 234 -22.80 43.20 9.99
C TYR A 234 -23.90 44.09 9.39
N PRO A 235 -24.69 44.77 10.24
CA PRO A 235 -25.88 45.53 9.89
C PRO A 235 -25.57 46.76 9.06
N SER A 236 -24.32 47.19 9.08
CA SER A 236 -23.92 48.39 8.37
C SER A 236 -23.05 48.08 7.15
N TYR A 237 -22.86 46.80 6.86
CA TYR A 237 -21.97 46.42 5.77
C TYR A 237 -22.67 45.60 4.69
N ILE A 238 -23.69 44.85 5.08
CA ILE A 238 -24.39 43.98 4.14
C ILE A 238 -25.75 44.55 3.74
N SER A 239 -25.95 44.70 2.43
CA SER A 239 -27.22 45.19 1.90
C SER A 239 -28.20 44.04 1.72
N PRO A 240 -29.47 44.22 2.14
CA PRO A 240 -30.52 43.22 2.15
C PRO A 240 -30.88 42.72 0.75
N ILE A 241 -30.50 43.47 -0.27
CA ILE A 241 -30.82 43.09 -1.64
C ILE A 241 -29.58 42.97 -2.51
N GLY A 242 -28.41 42.97 -1.88
CA GLY A 242 -27.16 42.97 -2.63
C GLY A 242 -26.37 41.68 -2.48
N CYS A 243 -25.14 41.71 -2.96
CA CYS A 243 -24.23 40.58 -2.91
C CYS A 243 -23.53 40.55 -1.56
N LEU A 244 -23.09 39.37 -1.13
CA LEU A 244 -22.34 39.29 0.11
C LEU A 244 -20.89 39.67 -0.16
N PRO A 245 -20.28 40.49 0.69
CA PRO A 245 -18.86 40.79 0.70
C PRO A 245 -18.06 39.51 0.85
N ALA A 246 -17.08 39.32 -0.02
CA ALA A 246 -16.31 38.08 -0.07
C ALA A 246 -15.59 37.77 1.24
N HIS A 247 -15.10 38.82 1.91
CA HIS A 247 -14.28 38.61 3.09
C HIS A 247 -15.10 38.22 4.31
N LEU A 248 -16.43 38.30 4.21
CA LEU A 248 -17.31 37.99 5.32
C LEU A 248 -17.91 36.60 5.21
N LEU A 249 -17.42 35.80 4.27
CA LEU A 249 -17.98 34.47 4.05
C LEU A 249 -17.33 33.37 4.90
N GLY A 250 -16.37 33.74 5.74
CA GLY A 250 -15.74 32.78 6.65
C GLY A 250 -14.54 32.08 6.04
N ASP A 251 -14.06 32.62 4.93
CA ASP A 251 -12.92 32.04 4.24
C ASP A 251 -12.07 33.13 3.62
N MET A 252 -10.94 32.73 3.04
CA MET A 252 -10.06 33.68 2.36
C MET A 252 -10.55 33.98 0.96
N TRP A 253 -11.18 33.01 0.32
CA TRP A 253 -11.66 33.17 -1.05
C TRP A 253 -13.17 33.05 -1.15
N GLY A 254 -13.81 32.70 -0.05
CA GLY A 254 -15.25 32.50 -0.04
C GLY A 254 -15.66 31.16 -0.65
N ARG A 255 -14.83 30.13 -0.45
CA ARG A 255 -15.10 28.82 -1.04
C ARG A 255 -16.15 28.05 -0.26
N PHE A 256 -16.13 28.19 1.07
CA PHE A 256 -17.06 27.49 1.96
C PHE A 256 -17.79 28.47 2.87
N TRP A 257 -19.02 28.15 3.24
CA TRP A 257 -19.79 29.00 4.14
C TRP A 257 -19.93 28.35 5.51
N THR A 258 -19.12 27.33 5.78
CA THR A 258 -19.28 26.51 6.97
C THR A 258 -19.01 27.28 8.27
N ASN A 259 -18.20 28.32 8.18
CA ASN A 259 -17.83 29.07 9.37
C ASN A 259 -18.85 30.15 9.70
N LEU A 260 -19.94 30.17 8.94
CA LEU A 260 -21.02 31.11 9.21
C LEU A 260 -22.06 30.49 10.13
N TYR A 261 -21.91 29.19 10.41
CA TYR A 261 -22.90 28.46 11.20
C TYR A 261 -22.75 28.76 12.69
N SER A 262 -23.01 30.01 13.04
CA SER A 262 -22.99 30.50 14.40
C SER A 262 -23.85 31.75 14.41
N LEU A 263 -24.04 32.30 13.21
CA LEU A 263 -24.90 33.46 13.00
C LEU A 263 -26.17 33.03 12.30
N THR A 264 -26.07 31.97 11.51
CA THR A 264 -27.16 31.52 10.65
C THR A 264 -27.94 30.35 11.24
N VAL A 265 -27.65 30.00 12.50
CA VAL A 265 -28.26 28.81 13.10
C VAL A 265 -29.76 29.02 13.31
N PRO A 266 -30.60 28.19 12.66
CA PRO A 266 -32.06 28.21 12.68
C PRO A 266 -32.63 28.29 14.09
N PHE A 267 -32.30 27.28 14.91
CA PHE A 267 -32.78 27.20 16.32
C PHE A 267 -31.58 27.16 17.26
N GLY A 268 -31.01 28.33 17.57
CA GLY A 268 -29.80 28.39 18.39
C GLY A 268 -30.10 28.21 19.87
N GLN A 269 -31.36 28.14 20.22
CA GLN A 269 -31.77 27.95 21.61
C GLN A 269 -31.54 26.50 22.07
N LYS A 270 -31.27 25.60 21.12
CA LYS A 270 -30.99 24.22 21.44
C LYS A 270 -29.62 23.81 20.92
N PRO A 271 -28.95 22.86 21.60
CA PRO A 271 -27.70 22.24 21.21
C PRO A 271 -27.89 21.32 20.02
N ASN A 272 -26.84 21.15 19.23
CA ASN A 272 -26.86 20.22 18.12
C ASN A 272 -26.34 18.86 18.57
N ILE A 273 -26.31 17.89 17.67
CA ILE A 273 -25.80 16.57 18.01
C ILE A 273 -24.29 16.52 17.97
N ASP A 274 -23.71 16.13 19.10
CA ASP A 274 -22.26 16.05 19.27
C ASP A 274 -21.93 14.89 20.18
N VAL A 275 -21.20 13.91 19.65
CA VAL A 275 -20.90 12.70 20.39
C VAL A 275 -19.46 12.64 20.87
N THR A 276 -18.80 13.80 20.88
CA THR A 276 -17.43 13.87 21.38
C THR A 276 -17.36 13.40 22.83
N ASP A 277 -18.27 13.88 23.65
CA ASP A 277 -18.26 13.54 25.07
C ASP A 277 -18.60 12.07 25.27
N ALA A 278 -19.52 11.55 24.47
CA ALA A 278 -19.92 10.15 24.59
C ALA A 278 -18.73 9.24 24.29
N MET A 279 -17.96 9.60 23.27
CA MET A 279 -16.79 8.82 22.89
C MET A 279 -15.76 8.80 24.01
N VAL A 280 -15.57 9.95 24.66
CA VAL A 280 -14.62 10.04 25.77
C VAL A 280 -15.08 9.24 26.98
N ASP A 281 -16.35 9.38 27.35
CA ASP A 281 -16.89 8.68 28.51
C ASP A 281 -16.83 7.17 28.35
N GLN A 282 -16.98 6.72 27.11
CA GLN A 282 -16.96 5.30 26.80
C GLN A 282 -15.53 4.78 26.55
N ALA A 283 -14.54 5.62 26.82
CA ALA A 283 -13.13 5.27 26.68
C ALA A 283 -12.76 4.86 25.26
N TRP A 284 -13.15 5.67 24.28
CA TRP A 284 -12.75 5.44 22.90
C TRP A 284 -11.31 5.86 22.67
N ASP A 285 -10.70 5.31 21.63
CA ASP A 285 -9.34 5.65 21.22
C ASP A 285 -9.26 5.61 19.69
N ALA A 286 -8.08 5.90 19.15
CA ALA A 286 -7.91 5.91 17.70
C ALA A 286 -8.29 4.58 17.07
N GLN A 287 -7.96 3.49 17.76
CA GLN A 287 -8.26 2.17 17.23
C GLN A 287 -9.76 1.93 17.16
N ARG A 288 -10.48 2.46 18.14
CA ARG A 288 -11.93 2.28 18.21
C ARG A 288 -12.60 3.05 17.10
N ILE A 289 -12.07 4.23 16.79
CA ILE A 289 -12.64 5.08 15.75
C ILE A 289 -12.59 4.39 14.40
N PHE A 290 -11.44 3.82 14.06
CA PHE A 290 -11.28 3.16 12.77
C PHE A 290 -11.96 1.80 12.74
N LYS A 291 -12.01 1.11 13.88
CA LYS A 291 -12.66 -0.18 13.94
C LYS A 291 -14.17 -0.06 13.74
N GLU A 292 -14.76 0.98 14.31
CA GLU A 292 -16.19 1.20 14.13
C GLU A 292 -16.50 1.58 12.70
N ALA A 293 -15.62 2.39 12.10
CA ALA A 293 -15.79 2.77 10.70
C ALA A 293 -15.70 1.54 9.81
N GLU A 294 -14.82 0.61 10.16
CA GLU A 294 -14.67 -0.61 9.39
C GLU A 294 -15.97 -1.41 9.40
N LYS A 295 -16.58 -1.52 10.59
CA LYS A 295 -17.84 -2.25 10.73
C LYS A 295 -18.97 -1.64 9.90
N PHE A 296 -18.97 -0.31 9.78
CA PHE A 296 -19.97 0.36 8.95
C PHE A 296 -19.92 -0.18 7.53
N PHE A 297 -18.73 -0.23 6.95
CA PHE A 297 -18.57 -0.70 5.58
C PHE A 297 -18.94 -2.17 5.46
N VAL A 298 -18.58 -2.96 6.48
CA VAL A 298 -18.92 -4.38 6.49
C VAL A 298 -20.42 -4.60 6.42
N SER A 299 -21.17 -3.77 7.12
CA SER A 299 -22.62 -3.95 7.22
C SER A 299 -23.32 -3.81 5.88
N VAL A 300 -22.63 -3.26 4.88
CA VAL A 300 -23.23 -3.09 3.56
C VAL A 300 -22.56 -3.98 2.51
N GLY A 301 -21.77 -4.96 2.96
CA GLY A 301 -21.20 -5.94 2.05
C GLY A 301 -19.79 -5.60 1.57
N LEU A 302 -19.21 -4.53 2.08
CA LEU A 302 -17.85 -4.18 1.69
C LEU A 302 -16.85 -4.97 2.52
N PRO A 303 -15.66 -5.23 1.99
CA PRO A 303 -14.57 -5.97 2.60
C PRO A 303 -13.93 -5.23 3.77
N ASN A 304 -13.24 -5.99 4.63
CA ASN A 304 -12.46 -5.43 5.74
C ASN A 304 -11.15 -4.83 5.22
N MET A 305 -10.49 -4.04 6.06
CA MET A 305 -9.16 -3.51 5.77
C MET A 305 -8.13 -4.61 5.96
N THR A 306 -7.01 -4.49 5.26
CA THR A 306 -5.97 -5.51 5.31
C THR A 306 -5.20 -5.46 6.61
N GLN A 307 -4.43 -6.51 6.87
CA GLN A 307 -3.58 -6.54 8.06
C GLN A 307 -2.50 -5.48 7.95
N GLY A 308 -2.02 -5.26 6.73
CA GLY A 308 -0.99 -4.25 6.48
C GLY A 308 -1.52 -2.86 6.81
N PHE A 309 -2.79 -2.62 6.51
CA PHE A 309 -3.41 -1.33 6.82
C PHE A 309 -3.29 -1.05 8.31
N TRP A 310 -3.69 -2.03 9.12
CA TRP A 310 -3.70 -1.85 10.56
C TRP A 310 -2.30 -1.74 11.17
N GLU A 311 -1.33 -2.42 10.58
CA GLU A 311 0.02 -2.44 11.13
C GLU A 311 0.92 -1.30 10.64
N ASN A 312 0.80 -0.92 9.37
CA ASN A 312 1.73 0.02 8.77
C ASN A 312 1.19 1.45 8.66
N SER A 313 0.05 1.71 9.29
CA SER A 313 -0.54 3.05 9.22
C SER A 313 -0.19 3.91 10.43
N MET A 314 -0.44 5.21 10.27
CA MET A 314 -0.20 6.17 11.38
C MET A 314 -1.57 6.68 11.84
N LEU A 315 -2.14 6.03 12.87
CA LEU A 315 -3.49 6.39 13.32
C LEU A 315 -3.42 7.31 14.52
N THR A 316 -2.23 7.41 15.11
CA THR A 316 -2.00 8.22 16.29
C THR A 316 -0.82 9.16 16.08
N ASP A 317 -0.75 10.20 16.91
CA ASP A 317 0.35 11.17 16.88
C ASP A 317 1.63 10.57 17.49
N PRO A 318 2.71 10.41 16.70
CA PRO A 318 4.01 9.91 17.11
C PRO A 318 4.65 10.70 18.25
N GLY A 319 4.22 11.95 18.43
CA GLY A 319 4.76 12.79 19.48
C GLY A 319 5.82 13.77 18.95
N ASN A 320 6.64 14.29 19.86
CA ASN A 320 7.58 15.36 19.53
C ASN A 320 8.95 14.85 19.16
N VAL A 321 9.08 13.54 18.99
CA VAL A 321 10.35 12.93 18.60
C VAL A 321 10.39 12.69 17.10
N GLN A 322 9.30 12.16 16.57
CA GLN A 322 9.20 11.85 15.15
C GLN A 322 8.38 12.96 14.51
N LYS A 323 9.02 13.72 13.63
CA LYS A 323 8.34 14.85 12.95
C LYS A 323 7.61 14.31 11.73
N ALA A 324 6.52 13.58 11.95
CA ALA A 324 5.78 12.96 10.83
C ALA A 324 4.58 13.83 10.55
N VAL A 325 4.43 14.30 9.32
CA VAL A 325 3.31 15.24 9.07
C VAL A 325 2.02 14.47 9.30
N CYS A 326 1.04 15.04 9.99
CA CYS A 326 -0.27 14.35 10.04
C CYS A 326 -1.14 15.23 9.15
N HIS A 327 -1.67 14.66 8.07
CA HIS A 327 -2.56 15.39 7.14
C HIS A 327 -3.48 14.29 6.65
N PRO A 328 -4.64 14.09 7.29
CA PRO A 328 -5.47 12.95 6.94
C PRO A 328 -5.46 12.68 5.44
N THR A 329 -4.74 11.62 5.05
CA THR A 329 -4.65 11.22 3.66
C THR A 329 -4.73 9.71 3.50
N ALA A 330 -5.51 9.25 2.53
CA ALA A 330 -5.56 7.84 2.19
C ALA A 330 -4.44 7.52 1.20
N TRP A 331 -3.63 6.51 1.52
CA TRP A 331 -2.50 6.16 0.68
C TRP A 331 -2.66 4.81 0.00
N ASP A 332 -2.20 4.75 -1.24
CA ASP A 332 -2.08 3.51 -1.97
C ASP A 332 -0.73 3.48 -2.64
N LEU A 333 0.18 2.68 -2.11
CA LEU A 333 1.56 2.70 -2.58
C LEU A 333 1.72 1.76 -3.76
N GLY A 334 0.65 1.02 -4.06
CA GLY A 334 0.67 0.02 -5.11
C GLY A 334 0.90 -1.36 -4.54
N LYS A 335 0.63 -2.38 -5.34
CA LYS A 335 0.84 -3.77 -4.97
C LYS A 335 0.16 -4.15 -3.67
N GLY A 336 -1.08 -3.69 -3.49
CA GLY A 336 -1.92 -4.10 -2.36
C GLY A 336 -1.55 -3.40 -1.06
N ASP A 337 -0.59 -2.49 -1.13
CA ASP A 337 -0.10 -1.83 0.07
C ASP A 337 -0.94 -0.61 0.39
N PHE A 338 -2.02 -0.83 1.15
CA PHE A 338 -2.96 0.24 1.51
C PHE A 338 -2.66 0.74 2.91
N ARG A 339 -2.58 2.06 3.06
CA ARG A 339 -2.25 2.67 4.34
C ARG A 339 -2.96 4.00 4.53
N ILE A 340 -2.95 4.51 5.75
CA ILE A 340 -3.47 5.85 6.01
C ILE A 340 -2.56 6.64 6.94
N LEU A 341 -2.41 7.93 6.68
CA LEU A 341 -1.68 8.82 7.59
C LEU A 341 -2.72 9.76 8.18
N MET A 342 -3.11 9.59 9.45
CA MET A 342 -4.18 10.34 10.08
C MET A 342 -4.13 10.20 11.59
N CYS A 343 -3.68 11.25 12.28
CA CYS A 343 -3.55 11.24 13.73
C CYS A 343 -4.85 11.73 14.36
N THR A 344 -5.58 10.80 14.99
CA THR A 344 -6.92 11.14 15.46
C THR A 344 -6.98 11.48 16.93
N LYS A 345 -8.07 12.16 17.29
CA LYS A 345 -8.44 12.46 18.66
C LYS A 345 -9.85 11.93 18.92
N VAL A 346 -10.21 11.76 20.17
CA VAL A 346 -11.53 11.23 20.48
C VAL A 346 -12.58 12.32 20.34
N THR A 347 -13.06 12.49 19.11
CA THR A 347 -14.05 13.51 18.78
C THR A 347 -14.84 13.15 17.55
N MET A 348 -16.04 13.73 17.41
CA MET A 348 -16.92 13.43 16.30
C MET A 348 -16.30 13.78 14.94
N ASP A 349 -15.49 14.82 14.90
CA ASP A 349 -14.90 15.25 13.63
C ASP A 349 -14.03 14.16 13.02
N ASP A 350 -13.25 13.47 13.85
CA ASP A 350 -12.38 12.41 13.38
C ASP A 350 -13.17 11.13 13.16
N PHE A 351 -14.24 10.96 13.92
CA PHE A 351 -15.13 9.84 13.72
C PHE A 351 -15.66 9.84 12.30
N LEU A 352 -16.12 11.00 11.85
CA LEU A 352 -16.66 11.15 10.50
C LEU A 352 -15.56 11.12 9.44
N THR A 353 -14.41 11.70 9.75
CA THR A 353 -13.30 11.74 8.79
C THR A 353 -12.81 10.33 8.48
N ALA A 354 -12.76 9.49 9.50
CA ALA A 354 -12.30 8.12 9.32
C ALA A 354 -13.15 7.41 8.27
N HIS A 355 -14.44 7.71 8.24
CA HIS A 355 -15.34 7.12 7.25
C HIS A 355 -15.02 7.64 5.85
N HIS A 356 -14.71 8.93 5.76
CA HIS A 356 -14.36 9.55 4.49
C HIS A 356 -13.12 8.92 3.89
N GLU A 357 -12.05 8.83 4.69
CA GLU A 357 -10.77 8.33 4.21
C GLU A 357 -10.82 6.83 3.95
N MET A 358 -11.56 6.10 4.78
CA MET A 358 -11.71 4.67 4.56
C MET A 358 -12.61 4.40 3.36
N GLY A 359 -13.58 5.28 3.13
CA GLY A 359 -14.43 5.18 1.95
C GLY A 359 -13.58 5.36 0.70
N HIS A 360 -12.61 6.25 0.79
CA HIS A 360 -11.65 6.48 -0.28
C HIS A 360 -10.86 5.21 -0.57
N ILE A 361 -10.38 4.56 0.50
CA ILE A 361 -9.64 3.31 0.39
C ILE A 361 -10.51 2.20 -0.16
N GLN A 362 -11.78 2.13 0.26
CA GLN A 362 -12.69 1.11 -0.25
C GLN A 362 -12.80 1.18 -1.77
N TYR A 363 -12.72 2.40 -2.31
CA TYR A 363 -12.74 2.60 -3.76
C TYR A 363 -11.42 2.10 -4.35
N ASP A 364 -10.30 2.47 -3.72
CA ASP A 364 -8.98 2.05 -4.18
C ASP A 364 -8.85 0.53 -4.22
N MET A 365 -9.48 -0.14 -3.27
CA MET A 365 -9.43 -1.59 -3.19
C MET A 365 -10.31 -2.26 -4.25
N ALA A 366 -11.20 -1.48 -4.88
CA ALA A 366 -12.17 -2.02 -5.82
C ALA A 366 -11.60 -2.10 -7.24
N TYR A 367 -10.89 -1.06 -7.65
CA TYR A 367 -10.34 -1.03 -9.00
C TYR A 367 -8.90 -1.49 -9.02
N ALA A 368 -8.45 -2.05 -7.91
CA ALA A 368 -7.09 -2.55 -7.78
C ALA A 368 -6.83 -3.69 -8.76
N ALA A 369 -7.90 -4.29 -9.28
CA ALA A 369 -7.78 -5.40 -10.21
C ALA A 369 -7.59 -4.92 -11.65
N GLN A 370 -7.66 -3.61 -11.86
CA GLN A 370 -7.50 -3.04 -13.20
C GLN A 370 -6.02 -2.98 -13.58
N PRO A 371 -5.70 -2.93 -14.88
CA PRO A 371 -4.40 -2.63 -15.45
C PRO A 371 -3.88 -1.32 -14.88
N PHE A 372 -2.56 -1.23 -14.68
CA PHE A 372 -1.93 -0.10 -14.01
C PHE A 372 -2.50 1.26 -14.44
N LEU A 373 -2.57 1.50 -15.73
CA LEU A 373 -2.97 2.83 -16.23
C LEU A 373 -4.46 3.09 -16.09
N LEU A 374 -5.23 2.06 -15.75
CA LEU A 374 -6.67 2.20 -15.57
C LEU A 374 -7.05 2.19 -14.09
N ARG A 375 -6.05 2.17 -13.21
CA ARG A 375 -6.32 2.12 -11.77
C ARG A 375 -6.59 3.51 -11.21
N ASN A 376 -7.73 4.04 -11.60
CA ASN A 376 -8.17 5.35 -11.13
C ASN A 376 -9.68 5.42 -11.20
N GLY A 377 -10.25 6.56 -10.83
CA GLY A 377 -11.70 6.70 -10.89
C GLY A 377 -12.15 6.94 -12.32
N ALA A 378 -13.39 6.56 -12.62
CA ALA A 378 -13.96 6.77 -13.95
C ALA A 378 -13.98 8.25 -14.29
N ASN A 379 -14.02 9.08 -13.25
CA ASN A 379 -14.07 10.52 -13.38
C ASN A 379 -13.28 11.17 -12.26
N GLU A 380 -12.72 12.34 -12.51
CA GLU A 380 -11.95 13.05 -11.50
C GLU A 380 -12.78 13.40 -10.26
N GLY A 381 -14.10 13.47 -10.42
CA GLY A 381 -14.97 13.81 -9.30
C GLY A 381 -15.54 12.60 -8.56
N PHE A 382 -15.22 11.39 -9.04
CA PHE A 382 -15.78 10.18 -8.44
C PHE A 382 -15.17 9.81 -7.09
N HIS A 383 -13.86 10.05 -6.94
CA HIS A 383 -13.18 9.58 -5.70
C HIS A 383 -13.73 10.29 -4.46
N GLU A 384 -13.96 11.60 -4.54
CA GLU A 384 -14.44 12.34 -3.39
C GLU A 384 -15.95 12.16 -3.24
N ALA A 385 -16.66 11.92 -4.35
CA ALA A 385 -18.09 11.68 -4.27
C ALA A 385 -18.37 10.46 -3.40
N VAL A 386 -17.55 9.43 -3.56
CA VAL A 386 -17.72 8.20 -2.79
C VAL A 386 -17.40 8.41 -1.32
N GLY A 387 -16.29 9.06 -1.03
CA GLY A 387 -15.88 9.30 0.35
C GLY A 387 -16.90 10.15 1.10
N GLU A 388 -17.48 11.12 0.40
CA GLU A 388 -18.47 12.02 1.01
C GLU A 388 -19.78 11.43 1.49
N ILE A 389 -20.34 10.47 0.75
CA ILE A 389 -21.60 9.85 1.16
C ILE A 389 -21.46 8.85 2.32
N MET A 390 -20.29 8.22 2.36
CA MET A 390 -19.98 7.22 3.37
C MET A 390 -20.10 7.93 4.71
N SER A 391 -19.68 9.19 4.77
CA SER A 391 -19.71 9.95 6.02
C SER A 391 -21.09 10.53 6.33
N LEU A 392 -22.00 10.51 5.35
CA LEU A 392 -23.34 11.06 5.56
C LEU A 392 -24.15 10.15 6.45
N SER A 393 -23.92 8.84 6.29
CA SER A 393 -24.62 7.86 7.10
C SER A 393 -24.11 7.91 8.54
N ALA A 394 -22.79 8.10 8.68
CA ALA A 394 -22.17 8.14 9.99
C ALA A 394 -22.70 9.31 10.83
N ALA A 395 -22.99 10.43 10.16
CA ALA A 395 -23.46 11.63 10.82
C ALA A 395 -24.96 11.60 11.09
N THR A 396 -25.63 10.54 10.63
CA THR A 396 -27.07 10.42 10.77
C THR A 396 -27.43 9.94 12.18
N PRO A 397 -28.32 10.65 12.91
CA PRO A 397 -28.77 10.39 14.27
C PRO A 397 -29.14 8.94 14.49
N LYS A 398 -29.73 8.30 13.49
CA LYS A 398 -30.12 6.89 13.60
C LYS A 398 -28.90 6.01 13.81
N HIS A 399 -27.80 6.34 13.14
CA HIS A 399 -26.57 5.57 13.25
C HIS A 399 -25.96 5.75 14.62
N LEU A 400 -25.96 7.00 15.08
CA LEU A 400 -25.35 7.34 16.36
C LEU A 400 -26.08 6.68 17.51
N LYS A 401 -27.41 6.55 17.40
CA LYS A 401 -28.18 5.85 18.43
C LYS A 401 -27.88 4.35 18.43
N SER A 402 -27.79 3.76 17.24
CA SER A 402 -27.54 2.32 17.12
C SER A 402 -26.13 1.93 17.57
N ILE A 403 -25.15 2.77 17.23
CA ILE A 403 -23.76 2.51 17.62
C ILE A 403 -23.60 2.65 19.13
N GLY A 404 -24.42 3.50 19.75
CA GLY A 404 -24.44 3.62 21.20
C GLY A 404 -23.87 4.95 21.71
N LEU A 405 -23.70 5.92 20.82
CA LEU A 405 -23.16 7.21 21.24
C LEU A 405 -24.27 8.16 21.71
N LEU A 406 -25.47 7.98 21.17
CA LEU A 406 -26.62 8.75 21.64
C LEU A 406 -27.55 7.87 22.47
N SER A 407 -28.19 8.47 23.46
CA SER A 407 -29.16 7.75 24.28
C SER A 407 -30.23 7.12 23.41
N PRO A 408 -30.65 5.89 23.72
CA PRO A 408 -31.69 5.14 23.02
C PRO A 408 -33.03 5.86 23.10
N ASP A 409 -33.15 6.77 24.06
CA ASP A 409 -34.38 7.53 24.24
C ASP A 409 -34.27 8.91 23.60
N PHE A 410 -33.18 9.14 22.88
CA PHE A 410 -32.96 10.43 22.22
C PHE A 410 -34.02 10.69 21.17
N GLN A 411 -34.59 11.89 21.22
CA GLN A 411 -35.62 12.27 20.26
C GLN A 411 -35.06 13.23 19.23
N GLU A 412 -35.41 13.00 17.97
CA GLU A 412 -34.99 13.89 16.90
C GLU A 412 -36.08 14.90 16.60
N ASP A 413 -35.90 16.12 17.09
CA ASP A 413 -36.88 17.19 16.97
C ASP A 413 -36.86 17.82 15.59
N ASN A 414 -37.94 18.54 15.25
CA ASN A 414 -38.02 19.24 13.97
C ASN A 414 -37.01 20.37 13.91
N GLU A 415 -36.72 20.96 15.07
CA GLU A 415 -35.75 22.05 15.14
C GLU A 415 -34.34 21.53 14.85
N THR A 416 -34.06 20.32 15.36
CA THR A 416 -32.77 19.68 15.13
C THR A 416 -32.60 19.37 13.65
N GLU A 417 -33.67 18.90 13.03
CA GLU A 417 -33.67 18.57 11.61
C GLU A 417 -33.23 19.74 10.75
N ILE A 418 -33.80 20.90 10.99
CA ILE A 418 -33.44 22.08 10.21
C ILE A 418 -32.00 22.51 10.48
N ASN A 419 -31.59 22.45 11.75
CA ASN A 419 -30.22 22.80 12.11
C ASN A 419 -29.21 21.96 11.32
N PHE A 420 -29.45 20.66 11.27
CA PHE A 420 -28.61 19.72 10.55
C PHE A 420 -28.54 20.02 9.06
N LEU A 421 -29.71 20.21 8.45
CA LEU A 421 -29.77 20.45 7.01
C LEU A 421 -29.05 21.71 6.59
N LEU A 422 -29.19 22.79 7.37
CA LEU A 422 -28.51 24.01 7.00
C LEU A 422 -27.01 23.86 7.11
N LYS A 423 -26.55 23.24 8.18
CA LYS A 423 -25.11 23.09 8.39
C LYS A 423 -24.47 22.45 7.17
N GLN A 424 -25.14 21.45 6.59
CA GLN A 424 -24.62 20.80 5.40
C GLN A 424 -24.82 21.65 4.15
N ALA A 425 -25.91 22.40 4.07
CA ALA A 425 -26.16 23.25 2.91
C ALA A 425 -25.02 24.25 2.72
N LEU A 426 -24.44 24.70 3.84
CA LEU A 426 -23.35 25.66 3.82
C LEU A 426 -22.03 25.03 3.34
N THR A 427 -22.01 23.71 3.25
CA THR A 427 -20.84 22.96 2.80
C THR A 427 -21.04 22.44 1.38
N ILE A 428 -22.31 22.20 1.04
CA ILE A 428 -22.68 21.56 -0.22
C ILE A 428 -23.19 22.54 -1.28
N VAL A 429 -24.15 23.37 -0.90
CA VAL A 429 -24.85 24.20 -1.86
C VAL A 429 -24.11 25.51 -2.08
N GLY A 430 -23.64 26.10 -0.98
CA GLY A 430 -22.99 27.41 -1.03
C GLY A 430 -21.62 27.34 -1.69
N THR A 431 -21.18 26.13 -2.02
CA THR A 431 -19.87 25.94 -2.64
C THR A 431 -19.97 25.69 -4.14
N LEU A 432 -21.15 25.29 -4.63
CA LEU A 432 -21.28 24.93 -6.03
C LEU A 432 -21.03 26.10 -6.99
N PRO A 433 -21.62 27.28 -6.75
CA PRO A 433 -21.44 28.48 -7.53
C PRO A 433 -19.96 28.89 -7.64
N PHE A 434 -19.20 28.65 -6.57
CA PHE A 434 -17.79 29.04 -6.54
C PHE A 434 -16.98 28.23 -7.54
N THR A 435 -17.16 26.91 -7.51
CA THR A 435 -16.44 26.06 -8.42
C THR A 435 -16.82 26.40 -9.85
N TYR A 436 -18.11 26.57 -10.08
CA TYR A 436 -18.62 26.89 -11.42
C TYR A 436 -18.00 28.19 -11.94
N MET A 437 -17.99 29.25 -11.14
CA MET A 437 -17.49 30.52 -11.65
C MET A 437 -16.00 30.46 -11.98
N LEU A 438 -15.21 29.77 -11.16
CA LEU A 438 -13.78 29.72 -11.42
C LEU A 438 -13.38 28.99 -12.69
N GLU A 439 -13.99 27.84 -12.93
CA GLU A 439 -13.65 27.07 -14.12
C GLU A 439 -14.16 27.75 -15.38
N LYS A 440 -15.34 28.32 -15.32
CA LYS A 440 -15.87 29.04 -16.47
C LYS A 440 -14.92 30.17 -16.87
N TRP A 441 -14.42 30.89 -15.87
CA TRP A 441 -13.48 31.98 -16.13
C TRP A 441 -12.18 31.47 -16.73
N ARG A 442 -11.58 30.44 -16.12
CA ARG A 442 -10.30 29.95 -16.61
C ARG A 442 -10.44 29.42 -18.03
N TRP A 443 -11.56 28.76 -18.32
CA TRP A 443 -11.79 28.24 -19.66
C TRP A 443 -11.76 29.38 -20.69
N MET A 444 -12.38 30.51 -20.36
CA MET A 444 -12.40 31.66 -21.24
C MET A 444 -11.02 32.33 -21.34
N VAL A 445 -10.20 32.15 -20.31
CA VAL A 445 -8.84 32.67 -20.33
C VAL A 445 -7.92 31.86 -21.24
N PHE A 446 -7.99 30.53 -21.13
CA PHE A 446 -7.16 29.67 -21.97
C PHE A 446 -7.64 29.74 -23.42
N LYS A 447 -8.96 29.68 -23.60
CA LYS A 447 -9.57 29.90 -24.90
C LYS A 447 -9.79 31.38 -25.07
N GLY A 448 -8.80 32.06 -25.61
CA GLY A 448 -8.74 33.52 -25.56
C GLY A 448 -10.01 34.23 -26.03
N GLU A 449 -11.02 34.24 -25.17
CA GLU A 449 -12.22 35.04 -25.37
C GLU A 449 -12.08 36.35 -24.61
N ILE A 450 -11.22 36.35 -23.61
CA ILE A 450 -11.00 37.53 -22.78
C ILE A 450 -9.56 38.02 -22.97
N PRO A 451 -9.38 39.28 -23.39
CA PRO A 451 -8.11 39.98 -23.50
C PRO A 451 -7.41 40.01 -22.14
N LYS A 452 -6.08 40.00 -22.14
CA LYS A 452 -5.32 39.96 -20.90
C LYS A 452 -5.70 41.12 -19.96
N ASP A 453 -5.92 42.29 -20.54
CA ASP A 453 -6.25 43.47 -19.75
C ASP A 453 -7.63 43.53 -19.10
N GLN A 454 -8.50 42.61 -19.50
CA GLN A 454 -9.85 42.52 -18.97
C GLN A 454 -10.09 41.20 -18.19
N TRP A 455 -8.97 40.56 -17.83
CA TRP A 455 -9.04 39.27 -17.16
C TRP A 455 -9.71 39.51 -15.82
N MET A 456 -9.31 40.58 -15.12
CA MET A 456 -9.89 40.87 -13.82
C MET A 456 -11.25 41.53 -13.92
N LYS A 457 -11.49 42.25 -15.01
CA LYS A 457 -12.78 42.89 -15.18
C LYS A 457 -13.86 41.81 -15.27
N LYS A 458 -13.60 40.79 -16.08
CA LYS A 458 -14.57 39.72 -16.25
C LYS A 458 -14.74 38.90 -14.98
N TRP A 459 -13.63 38.68 -14.28
CA TRP A 459 -13.65 37.89 -13.05
C TRP A 459 -14.55 38.49 -11.99
N TRP A 460 -14.42 39.80 -11.77
CA TRP A 460 -15.28 40.49 -10.80
C TRP A 460 -16.74 40.41 -11.23
N GLU A 461 -17.01 40.65 -12.51
CA GLU A 461 -18.37 40.63 -13.00
C GLU A 461 -19.02 39.27 -12.79
N MET A 462 -18.26 38.20 -13.04
CA MET A 462 -18.77 36.85 -12.87
C MET A 462 -19.23 36.46 -11.48
N LYS A 463 -18.49 36.87 -10.45
CA LYS A 463 -18.94 36.57 -9.10
C LYS A 463 -20.24 37.28 -8.72
N ARG A 464 -20.37 38.49 -9.22
CA ARG A 464 -21.57 39.28 -8.92
C ARG A 464 -22.76 38.58 -9.59
N GLU A 465 -22.58 38.16 -10.83
CA GLU A 465 -23.67 37.54 -11.58
C GLU A 465 -23.93 36.08 -11.21
N ILE A 466 -22.86 35.33 -10.92
CA ILE A 466 -22.99 33.89 -10.71
C ILE A 466 -23.21 33.46 -9.26
N VAL A 467 -22.37 33.96 -8.34
CA VAL A 467 -22.42 33.45 -6.99
C VAL A 467 -22.97 34.48 -5.99
N GLY A 468 -23.16 35.70 -6.45
CA GLY A 468 -23.73 36.73 -5.59
C GLY A 468 -22.77 37.24 -4.53
N VAL A 469 -21.50 37.28 -4.89
CA VAL A 469 -20.44 37.72 -4.00
C VAL A 469 -19.69 38.88 -4.63
N VAL A 470 -19.40 39.89 -3.82
CA VAL A 470 -18.77 41.10 -4.33
C VAL A 470 -17.47 41.42 -3.63
N GLU A 471 -16.51 41.92 -4.39
CA GLU A 471 -15.23 42.32 -3.86
C GLU A 471 -15.37 43.65 -3.12
N PRO A 472 -14.83 43.75 -1.90
CA PRO A 472 -14.94 44.88 -0.99
C PRO A 472 -14.17 46.11 -1.46
N VAL A 473 -13.25 45.89 -2.39
CA VAL A 473 -12.39 46.96 -2.89
C VAL A 473 -12.30 46.86 -4.42
N PRO A 474 -11.93 47.94 -5.09
CA PRO A 474 -11.55 47.98 -6.49
C PRO A 474 -10.19 47.35 -6.71
N HIS A 475 -9.99 46.79 -7.89
CA HIS A 475 -8.68 46.24 -8.27
C HIS A 475 -8.28 46.72 -9.66
N ASP A 476 -6.98 46.88 -9.86
CA ASP A 476 -6.45 47.31 -11.15
C ASP A 476 -6.12 46.12 -12.04
N GLU A 477 -5.65 46.42 -13.24
CA GLU A 477 -5.28 45.39 -14.22
C GLU A 477 -3.99 44.69 -13.83
N THR A 478 -3.32 45.24 -12.82
CA THR A 478 -2.03 44.73 -12.37
C THR A 478 -2.19 43.60 -11.36
N TYR A 479 -3.43 43.29 -11.00
CA TYR A 479 -3.74 42.24 -10.04
C TYR A 479 -4.13 40.94 -10.73
N CYS A 480 -3.98 39.84 -10.02
CA CYS A 480 -4.50 38.56 -10.48
C CYS A 480 -5.14 37.81 -9.32
N ASP A 481 -6.34 38.24 -8.96
CA ASP A 481 -7.06 37.71 -7.81
C ASP A 481 -7.01 36.17 -7.67
N PRO A 482 -7.42 35.38 -8.68
CA PRO A 482 -7.54 33.94 -8.60
C PRO A 482 -6.20 33.25 -8.40
N ALA A 483 -5.10 33.96 -8.65
CA ALA A 483 -3.77 33.38 -8.49
C ALA A 483 -3.44 33.23 -7.01
N SER A 484 -4.24 33.86 -6.17
CA SER A 484 -4.04 33.78 -4.73
C SER A 484 -4.64 32.50 -4.17
N LEU A 485 -5.32 31.74 -5.03
CA LEU A 485 -5.93 30.47 -4.65
C LEU A 485 -4.99 29.32 -4.99
N PHE A 486 -4.84 28.37 -4.08
CA PHE A 486 -3.90 27.27 -4.24
C PHE A 486 -4.03 26.57 -5.59
N HIS A 487 -5.24 26.20 -5.96
CA HIS A 487 -5.48 25.41 -7.16
C HIS A 487 -5.14 26.15 -8.45
N VAL A 488 -5.08 27.47 -8.40
CA VAL A 488 -4.80 28.23 -9.61
C VAL A 488 -3.30 28.34 -9.81
N SER A 489 -2.59 28.78 -8.77
CA SER A 489 -1.15 28.99 -8.88
C SER A 489 -0.38 27.67 -9.00
N ASN A 490 -0.99 26.57 -8.54
CA ASN A 490 -0.35 25.26 -8.61
C ASN A 490 -0.87 24.37 -9.75
N ASP A 491 -1.60 24.98 -10.69
CA ASP A 491 -2.05 24.28 -11.89
C ASP A 491 -2.92 23.04 -11.63
N TYR A 492 -3.99 23.19 -10.85
CA TYR A 492 -4.92 22.08 -10.65
C TYR A 492 -6.25 22.34 -11.33
N SER A 493 -6.94 21.29 -11.76
CA SER A 493 -8.30 21.42 -12.25
C SER A 493 -9.22 21.68 -11.06
N PHE A 494 -10.34 22.34 -11.30
CA PHE A 494 -11.20 22.69 -10.18
C PHE A 494 -12.63 22.15 -10.34
N ILE A 495 -13.06 21.93 -11.59
CA ILE A 495 -14.44 21.53 -11.88
C ILE A 495 -14.86 20.23 -11.20
N ARG A 496 -13.88 19.45 -10.73
CA ARG A 496 -14.19 18.14 -10.05
C ARG A 496 -14.81 18.42 -8.68
N TYR A 497 -14.83 19.68 -8.28
CA TYR A 497 -15.46 20.03 -7.02
C TYR A 497 -16.91 20.46 -7.28
N TYR A 498 -17.31 20.41 -8.55
CA TYR A 498 -18.69 20.70 -8.94
C TYR A 498 -19.38 19.39 -9.30
N THR A 499 -18.72 18.61 -10.14
CA THR A 499 -19.29 17.35 -10.60
C THR A 499 -19.36 16.33 -9.48
N ARG A 500 -18.40 16.41 -8.56
CA ARG A 500 -18.38 15.52 -7.41
C ARG A 500 -19.66 15.62 -6.60
N THR A 501 -20.05 16.84 -6.30
CA THR A 501 -21.22 17.08 -5.46
C THR A 501 -22.48 16.55 -6.12
N LEU A 502 -22.63 16.78 -7.41
CA LEU A 502 -23.82 16.31 -8.10
C LEU A 502 -23.85 14.79 -8.13
N TYR A 503 -22.70 14.16 -8.37
CA TYR A 503 -22.62 12.71 -8.38
C TYR A 503 -22.92 12.17 -6.99
N GLN A 504 -22.42 12.86 -5.98
CA GLN A 504 -22.56 12.47 -4.59
C GLN A 504 -24.02 12.23 -4.21
N PHE A 505 -24.89 13.16 -4.57
CA PHE A 505 -26.30 13.03 -4.22
C PHE A 505 -27.04 12.08 -5.15
N GLN A 506 -26.63 12.00 -6.41
CA GLN A 506 -27.27 11.05 -7.32
C GLN A 506 -27.04 9.64 -6.84
N PHE A 507 -25.82 9.36 -6.38
CA PHE A 507 -25.48 8.03 -5.89
C PHE A 507 -26.23 7.75 -4.61
N GLN A 508 -26.27 8.72 -3.69
CA GLN A 508 -26.93 8.50 -2.42
C GLN A 508 -28.40 8.18 -2.60
N GLU A 509 -29.11 8.95 -3.41
CA GLU A 509 -30.54 8.71 -3.58
C GLU A 509 -30.80 7.31 -4.11
N ALA A 510 -29.98 6.88 -5.08
CA ALA A 510 -30.13 5.55 -5.64
C ALA A 510 -29.89 4.49 -4.58
N LEU A 511 -28.92 4.74 -3.70
CA LEU A 511 -28.59 3.82 -2.62
C LEU A 511 -29.68 3.77 -1.56
N CYS A 512 -30.28 4.92 -1.26
CA CYS A 512 -31.37 5.04 -0.28
C CYS A 512 -32.62 4.33 -0.78
N GLN A 513 -32.85 4.36 -2.09
CA GLN A 513 -33.95 3.63 -2.68
C GLN A 513 -33.67 2.13 -2.62
N ALA A 514 -32.43 1.74 -2.89
CA ALA A 514 -32.03 0.34 -2.82
C ALA A 514 -32.19 -0.20 -1.41
N ALA A 515 -31.95 0.66 -0.42
CA ALA A 515 -32.06 0.31 0.99
C ALA A 515 -33.51 0.35 1.46
N LYS A 516 -34.42 0.70 0.56
CA LYS A 516 -35.84 0.80 0.87
C LYS A 516 -36.09 1.80 1.98
N HIS A 517 -35.38 2.91 1.94
CA HIS A 517 -35.56 3.97 2.92
C HIS A 517 -36.93 4.60 2.81
N GLU A 518 -37.60 4.75 3.95
CA GLU A 518 -38.91 5.37 4.00
C GLU A 518 -38.83 6.73 4.69
N GLY A 519 -39.30 7.77 4.00
CA GLY A 519 -39.27 9.11 4.55
C GLY A 519 -38.22 9.97 3.85
N PRO A 520 -37.96 11.16 4.39
CA PRO A 520 -37.06 12.19 3.88
C PRO A 520 -35.65 11.65 3.64
N LEU A 521 -35.06 12.05 2.52
CA LEU A 521 -33.75 11.56 2.10
C LEU A 521 -32.64 11.85 3.11
N HIS A 522 -32.71 12.98 3.80
CA HIS A 522 -31.65 13.34 4.73
C HIS A 522 -31.62 12.45 5.98
N LYS A 523 -32.68 11.69 6.19
CA LYS A 523 -32.73 10.74 7.31
C LYS A 523 -32.24 9.35 6.91
N CYS A 524 -31.80 9.20 5.65
CA CYS A 524 -31.38 7.94 5.08
C CYS A 524 -30.14 7.37 5.73
N ASP A 525 -30.19 6.09 6.03
CA ASP A 525 -29.07 5.34 6.55
C ASP A 525 -29.00 4.01 5.84
N ILE A 526 -27.98 3.84 5.00
CA ILE A 526 -27.88 2.63 4.20
C ILE A 526 -27.09 1.54 4.90
N SER A 527 -26.87 1.71 6.21
CA SER A 527 -26.24 0.66 7.00
C SER A 527 -27.14 -0.57 7.00
N ASN A 528 -26.52 -1.76 7.06
CA ASN A 528 -27.21 -3.04 7.04
C ASN A 528 -28.08 -3.21 5.79
N SER A 529 -27.56 -2.76 4.64
CA SER A 529 -28.23 -2.89 3.34
C SER A 529 -27.29 -3.43 2.28
N THR A 530 -27.38 -4.73 2.05
CA THR A 530 -26.54 -5.39 1.06
C THR A 530 -26.81 -4.84 -0.33
N GLU A 531 -28.07 -4.59 -0.63
CA GLU A 531 -28.47 -4.15 -1.95
C GLU A 531 -27.87 -2.79 -2.29
N ALA A 532 -27.88 -1.88 -1.33
CA ALA A 532 -27.28 -0.56 -1.57
C ALA A 532 -25.79 -0.72 -1.80
N GLY A 533 -25.15 -1.59 -1.02
CA GLY A 533 -23.71 -1.81 -1.15
C GLY A 533 -23.36 -2.39 -2.52
N GLN A 534 -24.21 -3.28 -3.03
CA GLN A 534 -23.96 -3.90 -4.33
C GLN A 534 -23.99 -2.88 -5.45
N LYS A 535 -24.95 -1.95 -5.40
CA LYS A 535 -25.03 -0.94 -6.45
C LYS A 535 -23.78 -0.08 -6.48
N LEU A 536 -23.29 0.32 -5.31
CA LEU A 536 -22.13 1.19 -5.29
C LEU A 536 -20.88 0.44 -5.77
N PHE A 537 -20.70 -0.78 -5.28
CA PHE A 537 -19.50 -1.55 -5.62
C PHE A 537 -19.37 -1.74 -7.12
N ASN A 538 -20.48 -2.05 -7.78
CA ASN A 538 -20.47 -2.30 -9.22
C ASN A 538 -19.87 -1.12 -9.99
N MET A 539 -20.01 0.07 -9.44
CA MET A 539 -19.47 1.28 -10.06
C MET A 539 -17.99 1.45 -9.73
N LEU A 540 -17.61 1.05 -8.52
CA LEU A 540 -16.26 1.29 -8.02
C LEU A 540 -15.23 0.40 -8.71
N ARG A 541 -15.63 -0.86 -8.94
CA ARG A 541 -14.70 -1.89 -9.48
C ARG A 541 -14.28 -1.62 -10.92
N LEU A 542 -14.96 -0.71 -11.60
CA LEU A 542 -14.70 -0.46 -13.01
C LEU A 542 -13.46 0.39 -13.25
N GLY A 543 -13.12 1.25 -12.30
CA GLY A 543 -11.99 2.15 -12.51
C GLY A 543 -12.24 2.99 -13.76
N LYS A 544 -11.26 3.06 -14.64
CA LYS A 544 -11.39 3.81 -15.89
C LYS A 544 -11.56 2.89 -17.11
N SER A 545 -11.92 1.63 -16.87
CA SER A 545 -12.07 0.68 -17.96
C SER A 545 -13.31 1.01 -18.78
N GLU A 546 -14.20 1.81 -18.20
CA GLU A 546 -15.44 2.20 -18.87
C GLU A 546 -15.65 3.71 -18.76
N PRO A 547 -16.43 4.31 -19.67
CA PRO A 547 -16.88 5.68 -19.67
C PRO A 547 -17.58 6.03 -18.36
N TRP A 548 -17.35 7.24 -17.87
CA TRP A 548 -18.03 7.68 -16.65
C TRP A 548 -19.53 7.78 -16.87
N THR A 549 -19.92 7.92 -18.12
CA THR A 549 -21.32 8.01 -18.51
C THR A 549 -22.02 6.66 -18.38
N LEU A 550 -21.22 5.60 -18.31
CA LEU A 550 -21.75 4.25 -18.15
C LEU A 550 -21.62 3.82 -16.70
N ALA A 551 -20.50 4.17 -16.08
CA ALA A 551 -20.26 3.83 -14.69
C ALA A 551 -21.30 4.50 -13.80
N LEU A 552 -21.69 5.71 -14.17
CA LEU A 552 -22.70 6.47 -13.43
C LEU A 552 -24.08 5.82 -13.56
N GLU A 553 -24.45 5.48 -14.80
CA GLU A 553 -25.77 4.91 -15.08
C GLU A 553 -26.02 3.65 -14.26
N ASN A 554 -24.97 2.85 -14.09
CA ASN A 554 -25.07 1.59 -13.36
C ASN A 554 -25.68 1.76 -11.97
N VAL A 555 -25.55 2.96 -11.40
CA VAL A 555 -26.06 3.19 -10.06
C VAL A 555 -27.32 4.06 -10.06
N VAL A 556 -27.31 5.14 -10.84
CA VAL A 556 -28.34 6.15 -10.68
C VAL A 556 -29.38 6.17 -11.80
N GLY A 557 -29.16 5.39 -12.86
CA GLY A 557 -30.14 5.30 -13.94
C GLY A 557 -30.03 6.44 -14.96
N ALA A 558 -29.00 7.27 -14.80
CA ALA A 558 -28.80 8.41 -15.68
C ALA A 558 -27.48 8.29 -16.42
N LYS A 559 -27.43 8.82 -17.63
CA LYS A 559 -26.21 8.81 -18.42
C LYS A 559 -25.45 10.11 -18.28
N ASN A 560 -25.90 10.95 -17.36
CA ASN A 560 -25.27 12.23 -17.10
C ASN A 560 -25.50 12.65 -15.66
N MET A 561 -24.95 13.79 -15.28
CA MET A 561 -25.17 14.32 -13.95
C MET A 561 -26.55 14.98 -13.85
N ASN A 562 -27.08 15.06 -12.65
CA ASN A 562 -28.41 15.61 -12.44
C ASN A 562 -28.47 16.46 -11.18
N VAL A 563 -29.63 17.05 -10.91
CA VAL A 563 -29.80 17.93 -9.77
C VAL A 563 -30.92 17.48 -8.85
N ARG A 564 -31.81 16.64 -9.37
CA ARG A 564 -32.98 16.26 -8.59
C ARG A 564 -32.63 15.75 -7.19
N PRO A 565 -31.72 14.77 -7.04
CA PRO A 565 -31.32 14.15 -5.79
C PRO A 565 -30.81 15.19 -4.78
N LEU A 566 -30.12 16.20 -5.27
CA LEU A 566 -29.58 17.25 -4.41
C LEU A 566 -30.71 18.11 -3.88
N LEU A 567 -31.61 18.48 -4.78
CA LEU A 567 -32.75 19.32 -4.42
C LEU A 567 -33.67 18.60 -3.47
N ASN A 568 -33.80 17.29 -3.65
CA ASN A 568 -34.63 16.48 -2.75
C ASN A 568 -34.02 16.37 -1.36
N TYR A 569 -32.70 16.22 -1.30
CA TYR A 569 -32.01 16.10 -0.02
C TYR A 569 -32.31 17.27 0.88
N PHE A 570 -32.29 18.47 0.29
CA PHE A 570 -32.50 19.70 1.04
C PHE A 570 -33.92 20.23 0.91
N GLU A 571 -34.84 19.42 0.38
CA GLU A 571 -36.21 19.87 0.20
C GLU A 571 -36.88 20.34 1.50
N PRO A 572 -36.71 19.64 2.64
CA PRO A 572 -37.26 19.99 3.94
C PRO A 572 -36.66 21.29 4.46
N LEU A 573 -35.52 21.69 3.91
CA LEU A 573 -34.89 22.93 4.29
C LEU A 573 -35.39 24.03 3.36
N PHE A 574 -35.57 23.68 2.10
CA PHE A 574 -36.01 24.61 1.08
C PHE A 574 -37.36 25.22 1.44
N THR A 575 -38.31 24.37 1.83
CA THR A 575 -39.63 24.86 2.20
C THR A 575 -39.56 25.72 3.45
N TRP A 576 -38.71 25.32 4.39
CA TRP A 576 -38.52 26.09 5.61
C TRP A 576 -37.95 27.47 5.29
N LEU A 577 -36.95 27.49 4.41
CA LEU A 577 -36.31 28.74 4.01
C LEU A 577 -37.30 29.68 3.35
N LYS A 578 -38.20 29.14 2.53
CA LYS A 578 -39.21 29.94 1.85
C LYS A 578 -40.04 30.75 2.85
N ASP A 579 -40.34 30.14 4.00
CA ASP A 579 -41.14 30.81 5.03
C ASP A 579 -40.33 31.80 5.86
N GLN A 580 -39.01 31.79 5.67
CA GLN A 580 -38.13 32.72 6.39
C GLN A 580 -37.88 33.95 5.53
N ASN A 581 -37.93 33.76 4.21
CA ASN A 581 -37.68 34.83 3.26
C ASN A 581 -38.97 35.51 2.85
N ASN B 26 13.63 -45.91 5.49
CA ASN B 26 14.01 -44.56 5.14
C ASN B 26 12.77 -43.74 4.79
N LEU B 27 12.64 -42.54 5.38
CA LEU B 27 11.50 -41.66 5.14
C LEU B 27 11.82 -40.65 4.06
N CYS B 28 10.84 -40.31 3.23
CA CYS B 28 11.00 -39.35 2.14
C CYS B 28 11.33 -37.96 2.67
N PRO B 29 12.34 -37.29 2.09
CA PRO B 29 12.88 -36.00 2.46
C PRO B 29 11.96 -34.87 2.03
N PHE B 30 10.73 -34.88 2.52
CA PHE B 30 9.77 -33.83 2.19
C PHE B 30 10.13 -32.54 2.89
N HIS B 31 10.72 -32.64 4.07
CA HIS B 31 11.09 -31.44 4.81
C HIS B 31 12.22 -30.70 4.11
N GLU B 32 12.96 -31.41 3.26
CA GLU B 32 14.06 -30.78 2.53
C GLU B 32 13.54 -30.02 1.32
N VAL B 33 12.24 -30.14 1.07
CA VAL B 33 11.58 -29.42 0.00
C VAL B 33 10.84 -28.22 0.56
N PHE B 34 10.11 -28.45 1.64
CA PHE B 34 9.31 -27.41 2.27
C PHE B 34 10.12 -26.44 3.16
N ASN B 35 11.10 -26.98 3.92
CA ASN B 35 11.89 -26.21 4.89
C ASN B 35 13.27 -25.83 4.36
N ALA B 36 13.46 -25.88 3.02
CA ALA B 36 14.70 -25.45 2.38
C ALA B 36 14.87 -23.94 2.47
N THR B 37 16.11 -23.47 2.55
CA THR B 37 16.37 -22.04 2.66
C THR B 37 16.02 -21.27 1.40
N THR B 38 16.21 -21.89 0.24
CA THR B 38 15.96 -21.21 -1.01
C THR B 38 15.08 -22.00 -1.97
N PHE B 39 14.16 -21.28 -2.61
CA PHE B 39 13.32 -21.80 -3.69
C PHE B 39 13.74 -21.22 -5.02
N ALA B 40 13.43 -21.93 -6.09
CA ALA B 40 13.73 -21.46 -7.44
C ALA B 40 12.72 -20.43 -7.91
N SER B 41 13.07 -19.70 -8.95
CA SER B 41 12.17 -18.75 -9.59
C SER B 41 11.10 -19.48 -10.36
N VAL B 42 10.00 -18.80 -10.68
CA VAL B 42 8.91 -19.44 -11.41
C VAL B 42 9.24 -19.64 -12.89
N TYR B 43 10.07 -18.78 -13.48
CA TYR B 43 10.42 -18.98 -14.89
C TYR B 43 11.30 -20.21 -15.06
N ALA B 44 11.97 -20.61 -13.98
CA ALA B 44 12.86 -21.76 -13.97
C ALA B 44 12.63 -22.59 -12.72
N TRP B 45 11.43 -23.16 -12.60
CA TRP B 45 11.03 -23.86 -11.38
C TRP B 45 11.83 -25.13 -11.17
N ASN B 46 12.01 -25.51 -9.90
CA ASN B 46 12.83 -26.67 -9.51
C ASN B 46 11.98 -27.94 -9.37
N ARG B 47 12.24 -28.92 -10.24
CA ARG B 47 11.54 -30.21 -10.24
C ARG B 47 12.30 -31.21 -9.37
N THR B 48 11.79 -31.46 -8.17
CA THR B 48 12.45 -32.37 -7.25
C THR B 48 11.81 -33.74 -7.28
N ARG B 49 12.63 -34.77 -7.48
CA ARG B 49 12.12 -36.14 -7.56
C ARG B 49 12.25 -36.87 -6.23
N ILE B 50 11.13 -37.40 -5.75
CA ILE B 50 11.08 -38.21 -4.55
C ILE B 50 10.97 -39.68 -4.94
N SER B 51 11.88 -40.51 -4.44
CA SER B 51 11.91 -41.92 -4.82
C SER B 51 12.45 -42.90 -3.77
N ASN B 52 12.02 -44.16 -3.88
CA ASN B 52 12.53 -45.24 -3.03
C ASN B 52 12.60 -44.86 -1.54
N CYS B 53 11.43 -44.55 -0.96
CA CYS B 53 11.34 -44.03 0.40
C CYS B 53 9.88 -44.18 0.86
N VAL B 54 9.67 -44.00 2.17
CA VAL B 54 8.32 -43.99 2.73
C VAL B 54 7.76 -42.58 2.82
N ALA B 55 6.63 -42.35 2.18
CA ALA B 55 6.07 -41.01 2.05
C ALA B 55 5.02 -40.71 3.09
N ASP B 56 5.39 -39.93 4.09
CA ASP B 56 4.47 -39.54 5.14
C ASP B 56 3.86 -38.18 4.82
N TYR B 57 2.58 -38.16 4.48
CA TYR B 57 1.92 -36.94 4.05
C TYR B 57 1.10 -36.34 5.18
N SER B 58 1.13 -36.97 6.35
CA SER B 58 0.28 -36.53 7.45
C SER B 58 0.72 -35.18 7.99
N VAL B 59 2.01 -34.90 7.89
CA VAL B 59 2.53 -33.63 8.39
C VAL B 59 1.94 -32.46 7.62
N LEU B 60 1.69 -32.66 6.33
CA LEU B 60 1.23 -31.57 5.47
C LEU B 60 -0.24 -31.29 5.67
N TYR B 61 -0.91 -32.13 6.45
CA TYR B 61 -2.35 -31.99 6.68
C TYR B 61 -2.63 -31.45 8.08
N ASN B 62 -1.56 -31.12 8.81
CA ASN B 62 -1.70 -30.65 10.18
C ASN B 62 -1.13 -29.24 10.38
N PHE B 63 -1.31 -28.39 9.36
CA PHE B 63 -0.88 -27.00 9.44
C PHE B 63 -2.07 -26.06 9.61
N ALA B 64 -1.85 -24.94 10.29
CA ALA B 64 -2.89 -23.91 10.50
C ALA B 64 -3.28 -23.25 9.19
N PHE B 66 0.36 -23.24 6.87
CA PHE B 66 -0.01 -23.13 5.46
C PHE B 66 -1.23 -22.21 5.29
N PHE B 67 -1.32 -21.58 4.11
CA PHE B 67 -2.41 -20.66 3.77
C PHE B 67 -3.38 -21.32 2.80
N ALA B 68 -2.87 -22.27 2.02
CA ALA B 68 -3.70 -23.00 1.09
C ALA B 68 -3.22 -24.44 0.98
N PHE B 69 -4.17 -25.35 0.79
CA PHE B 69 -3.88 -26.76 0.59
C PHE B 69 -4.90 -27.36 -0.37
N LYS B 70 -4.56 -27.42 -1.65
CA LYS B 70 -5.46 -27.97 -2.64
C LYS B 70 -5.20 -29.29 -3.37
N CYS B 71 -6.01 -30.31 -3.07
CA CYS B 71 -5.83 -31.65 -3.63
C CYS B 71 -6.82 -31.95 -4.73
N TYR B 72 -6.29 -32.38 -5.87
CA TYR B 72 -7.09 -32.69 -7.04
C TYR B 72 -7.02 -34.18 -7.37
N GLY B 73 -8.05 -34.92 -6.95
CA GLY B 73 -8.13 -36.36 -7.22
C GLY B 73 -7.42 -37.22 -6.17
N VAL B 74 -6.67 -36.59 -5.27
CA VAL B 74 -5.90 -37.32 -4.28
C VAL B 74 -6.10 -36.80 -2.86
N SER B 75 -7.11 -37.32 -2.19
CA SER B 75 -7.40 -36.91 -0.82
C SER B 75 -6.16 -37.10 0.07
N PRO B 76 -5.87 -36.15 0.95
CA PRO B 76 -4.75 -36.14 1.88
C PRO B 76 -4.84 -37.25 2.92
N THR B 77 -6.02 -37.84 3.03
CA THR B 77 -6.22 -38.94 3.98
C THR B 77 -6.19 -40.28 3.27
N LYS B 78 -5.94 -40.24 1.96
CA LYS B 78 -5.85 -41.44 1.14
C LYS B 78 -4.41 -41.67 0.69
N LEU B 79 -3.65 -40.59 0.54
CA LEU B 79 -2.29 -40.65 0.02
C LEU B 79 -1.37 -41.54 0.86
N ASN B 80 -1.63 -41.64 2.15
CA ASN B 80 -0.78 -42.41 3.04
C ASN B 80 -0.94 -43.91 2.82
N ASP B 81 -1.93 -44.30 2.03
CA ASP B 81 -2.16 -45.71 1.74
C ASP B 81 -1.85 -46.05 0.28
N LEU B 82 -1.25 -45.10 -0.44
CA LEU B 82 -0.97 -45.30 -1.86
C LEU B 82 0.52 -45.43 -2.15
N CYS B 83 0.83 -46.13 -3.26
CA CYS B 83 2.19 -46.22 -3.79
C CYS B 83 2.25 -45.61 -5.19
N PHE B 84 3.33 -44.89 -5.47
CA PHE B 84 3.52 -44.26 -6.77
C PHE B 84 4.87 -44.62 -7.35
N THR B 85 4.95 -44.65 -8.69
CA THR B 85 6.22 -44.91 -9.35
C THR B 85 7.22 -43.81 -9.01
N ASN B 86 6.74 -42.56 -9.05
CA ASN B 86 7.53 -41.41 -8.66
C ASN B 86 6.61 -40.31 -8.11
N VAL B 87 7.16 -39.46 -7.25
CA VAL B 87 6.46 -38.26 -6.82
C VAL B 87 7.31 -37.04 -7.09
N TYR B 88 6.74 -36.04 -7.75
CA TYR B 88 7.50 -34.85 -8.10
C TYR B 88 7.01 -33.62 -7.36
N ALA B 89 7.94 -32.91 -6.75
CA ALA B 89 7.61 -31.70 -6.01
C ALA B 89 8.21 -30.47 -6.69
N ASP B 90 7.36 -29.70 -7.36
CA ASP B 90 7.81 -28.51 -8.06
C ASP B 90 7.78 -27.30 -7.14
N SER B 91 8.95 -26.76 -6.83
CA SER B 91 9.03 -25.66 -5.88
C SER B 91 9.43 -24.35 -6.55
N PHE B 92 8.69 -23.29 -6.23
CA PHE B 92 8.94 -21.97 -6.79
C PHE B 92 8.25 -20.87 -5.97
N VAL B 93 8.66 -19.63 -6.19
CA VAL B 93 8.03 -18.49 -5.52
C VAL B 93 7.27 -17.57 -6.47
N ILE B 94 6.00 -17.35 -6.17
CA ILE B 94 5.12 -16.45 -6.93
C ILE B 94 4.35 -15.54 -6.00
N ARG B 95 3.55 -14.64 -6.56
CA ARG B 95 2.71 -13.77 -5.76
C ARG B 95 1.44 -14.48 -5.30
N GLY B 96 0.86 -14.01 -4.20
CA GLY B 96 -0.38 -14.58 -3.69
C GLY B 96 -1.51 -14.57 -4.72
N ASN B 97 -1.59 -13.51 -5.51
CA ASN B 97 -2.64 -13.38 -6.51
C ASN B 97 -2.47 -14.34 -7.68
N GLU B 98 -1.30 -14.97 -7.76
CA GLU B 98 -0.97 -15.87 -8.85
C GLU B 98 -1.14 -17.33 -8.44
N VAL B 99 -1.44 -17.56 -7.18
CA VAL B 99 -1.57 -18.92 -6.66
C VAL B 99 -2.75 -19.62 -7.31
N SER B 100 -3.80 -18.87 -7.60
CA SER B 100 -5.00 -19.41 -8.22
C SER B 100 -4.76 -19.91 -9.64
N GLN B 101 -3.63 -19.53 -10.24
CA GLN B 101 -3.33 -19.95 -11.61
C GLN B 101 -2.71 -21.32 -11.64
N ILE B 102 -2.33 -21.83 -10.48
CA ILE B 102 -1.68 -23.13 -10.41
C ILE B 102 -2.70 -24.23 -10.65
N ALA B 103 -3.91 -24.04 -10.16
CA ALA B 103 -4.97 -25.02 -10.31
C ALA B 103 -5.17 -25.35 -11.78
N PRO B 104 -5.46 -26.62 -12.11
CA PRO B 104 -5.64 -27.15 -13.44
C PRO B 104 -6.83 -26.49 -14.13
N GLY B 105 -6.70 -26.24 -15.43
CA GLY B 105 -7.77 -25.65 -16.21
C GLY B 105 -7.69 -24.11 -16.22
N GLN B 106 -6.74 -23.56 -15.46
CA GLN B 106 -6.61 -22.12 -15.36
C GLN B 106 -5.65 -21.56 -16.41
N THR B 107 -5.80 -20.26 -16.69
CA THR B 107 -4.94 -19.56 -17.64
C THR B 107 -4.42 -18.27 -17.01
N GLY B 108 -3.41 -17.66 -17.65
CA GLY B 108 -2.85 -16.41 -17.13
C GLY B 108 -1.35 -16.30 -17.38
N ASN B 109 -0.74 -15.25 -16.84
CA ASN B 109 0.68 -14.98 -17.10
C ASN B 109 1.59 -16.08 -16.56
N ILE B 110 1.18 -16.77 -15.51
CA ILE B 110 1.97 -17.87 -14.98
C ILE B 110 1.57 -19.18 -15.62
N ALA B 111 0.27 -19.41 -15.72
CA ALA B 111 -0.24 -20.66 -16.26
C ALA B 111 0.21 -20.87 -17.71
N ASP B 112 0.31 -19.79 -18.49
CA ASP B 112 0.63 -19.92 -19.90
C ASP B 112 2.10 -19.73 -20.26
N TYR B 113 2.83 -18.91 -19.50
CA TYR B 113 4.21 -18.60 -19.87
C TYR B 113 5.26 -19.13 -18.89
N ASN B 114 4.84 -19.65 -17.74
CA ASN B 114 5.80 -20.08 -16.73
C ASN B 114 5.57 -21.52 -16.27
N TYR B 115 4.48 -21.74 -15.55
CA TYR B 115 4.19 -23.05 -15.00
C TYR B 115 2.81 -23.53 -15.41
N LYS B 116 2.76 -24.32 -16.48
CA LYS B 116 1.50 -24.82 -16.98
C LYS B 116 1.18 -26.17 -16.36
N LEU B 117 0.02 -26.26 -15.72
CA LEU B 117 -0.42 -27.50 -15.11
C LEU B 117 -1.60 -28.02 -15.95
N PRO B 118 -1.64 -29.31 -16.29
CA PRO B 118 -2.59 -29.94 -17.20
C PRO B 118 -3.99 -29.97 -16.62
N ASP B 119 -4.99 -29.98 -17.50
CA ASP B 119 -6.38 -30.08 -17.05
C ASP B 119 -6.59 -31.39 -16.31
N ASP B 120 -5.97 -32.45 -16.82
CA ASP B 120 -6.04 -33.76 -16.19
C ASP B 120 -4.93 -33.89 -15.16
N PHE B 121 -5.05 -33.15 -14.06
CA PHE B 121 -4.01 -33.11 -13.06
C PHE B 121 -4.35 -33.96 -11.84
N THR B 122 -3.39 -34.79 -11.44
CA THR B 122 -3.52 -35.57 -10.22
C THR B 122 -2.40 -35.16 -9.25
N GLY B 123 -2.77 -34.47 -8.18
CA GLY B 123 -1.76 -33.94 -7.26
C GLY B 123 -2.33 -32.91 -6.30
N CYS B 124 -1.47 -32.42 -5.40
CA CYS B 124 -1.84 -31.42 -4.39
C CYS B 124 -1.00 -30.16 -4.55
N VAL B 125 -1.65 -29.01 -4.39
CA VAL B 125 -0.95 -27.74 -4.43
C VAL B 125 -0.90 -27.12 -3.03
N ILE B 126 0.30 -27.01 -2.49
CA ILE B 126 0.50 -26.48 -1.15
C ILE B 126 1.17 -25.12 -1.22
N ALA B 127 0.59 -24.13 -0.55
CA ALA B 127 1.18 -22.80 -0.61
C ALA B 127 1.14 -22.12 0.76
N TRP B 128 2.18 -21.34 1.03
CA TRP B 128 2.20 -20.56 2.26
C TRP B 128 2.92 -19.25 2.07
N ASN B 129 2.55 -18.27 2.88
CA ASN B 129 3.13 -16.95 2.82
C ASN B 129 4.55 -16.95 3.38
N SER B 130 5.50 -16.50 2.57
CA SER B 130 6.91 -16.50 2.95
C SER B 130 7.45 -15.08 3.06
N ASN B 131 6.57 -14.13 3.31
CA ASN B 131 6.95 -12.73 3.39
C ASN B 131 8.11 -12.48 4.34
N LYS B 132 8.18 -13.26 5.41
CA LYS B 132 9.23 -13.07 6.41
C LYS B 132 10.59 -13.61 5.96
N LEU B 133 10.59 -14.43 4.90
CA LEU B 133 11.83 -15.07 4.44
C LEU B 133 12.29 -14.55 3.09
N ASP B 134 11.35 -14.36 2.16
CA ASP B 134 11.68 -14.09 0.76
C ASP B 134 11.51 -12.62 0.37
N SER B 135 11.36 -11.75 1.35
CA SER B 135 11.21 -10.32 1.08
C SER B 135 12.38 -9.54 1.65
N LYS B 136 12.67 -8.40 1.03
CA LYS B 136 13.71 -7.50 1.53
C LYS B 136 13.21 -6.07 1.44
N VAL B 137 13.76 -5.20 2.29
CA VAL B 137 13.40 -3.79 2.26
C VAL B 137 13.78 -3.11 0.95
N SER B 138 14.98 -3.43 0.45
CA SER B 138 15.46 -2.87 -0.81
C SER B 138 14.77 -3.52 -2.01
N GLY B 139 14.11 -4.65 -1.76
CA GLY B 139 13.42 -5.40 -2.80
C GLY B 139 14.18 -6.65 -3.20
N ASN B 140 13.52 -7.80 -3.10
CA ASN B 140 14.15 -9.06 -3.47
C ASN B 140 13.92 -9.36 -4.94
N TYR B 141 14.96 -9.20 -5.74
CA TYR B 141 14.89 -9.33 -7.19
C TYR B 141 15.54 -10.61 -7.69
N ASN B 142 15.64 -11.61 -6.82
CA ASN B 142 16.27 -12.87 -7.20
C ASN B 142 15.25 -13.86 -7.77
N TYR B 143 13.99 -13.45 -7.82
CA TYR B 143 12.93 -14.29 -8.35
C TYR B 143 12.39 -13.70 -9.63
N LEU B 144 12.58 -14.40 -10.74
CA LEU B 144 12.14 -13.89 -12.03
C LEU B 144 10.97 -14.68 -12.58
N TYR B 145 10.13 -14.02 -13.36
CA TYR B 145 9.05 -14.68 -14.09
C TYR B 145 9.08 -14.25 -15.55
N ARG B 146 8.59 -15.11 -16.43
CA ARG B 146 8.53 -14.78 -17.84
C ARG B 146 7.28 -13.97 -18.14
N LEU B 147 7.46 -12.86 -18.85
CA LEU B 147 6.34 -11.99 -19.18
C LEU B 147 5.91 -12.20 -20.63
N PHE B 148 6.89 -12.40 -21.51
CA PHE B 148 6.59 -12.55 -22.93
C PHE B 148 7.04 -13.89 -23.48
N ARG B 149 6.31 -14.37 -24.48
CA ARG B 149 6.67 -15.61 -25.16
C ARG B 149 6.03 -15.65 -26.54
N LYS B 150 6.60 -16.46 -27.44
CA LYS B 150 6.05 -16.60 -28.79
C LYS B 150 4.83 -17.52 -28.84
N SER B 151 4.80 -18.51 -27.95
CA SER B 151 3.70 -19.46 -27.90
C SER B 151 3.55 -19.86 -26.44
N LYS B 152 2.37 -20.29 -26.06
CA LYS B 152 2.14 -20.68 -24.66
C LYS B 152 2.66 -22.09 -24.42
N LEU B 153 3.03 -22.38 -23.17
CA LEU B 153 3.59 -23.68 -22.81
C LEU B 153 2.66 -24.87 -22.75
N LYS B 154 3.23 -26.05 -22.95
CA LYS B 154 2.55 -27.31 -22.71
C LYS B 154 2.74 -27.66 -21.23
N PRO B 155 1.92 -28.55 -20.67
CA PRO B 155 1.99 -29.02 -19.30
C PRO B 155 3.38 -29.51 -18.92
N PHE B 156 3.86 -29.01 -17.79
CA PHE B 156 5.16 -29.37 -17.19
C PHE B 156 6.36 -29.08 -18.08
N GLU B 157 6.21 -28.20 -19.07
CA GLU B 157 7.36 -27.78 -19.86
C GLU B 157 7.83 -26.40 -19.42
N ARG B 158 9.13 -26.16 -19.52
CA ARG B 158 9.68 -24.84 -19.22
C ARG B 158 10.88 -24.54 -20.09
N ASP B 159 11.02 -23.28 -20.47
CA ASP B 159 12.21 -22.82 -21.16
C ASP B 159 12.95 -21.81 -20.30
N ILE B 160 14.27 -21.81 -20.39
CA ILE B 160 15.09 -20.87 -19.65
C ILE B 160 15.87 -19.97 -20.59
N SER B 161 15.41 -19.89 -21.82
CA SER B 161 16.03 -19.02 -22.82
C SER B 161 15.89 -17.56 -22.45
N THR B 162 16.93 -16.79 -22.74
CA THR B 162 16.94 -15.36 -22.48
C THR B 162 16.98 -14.57 -23.78
N GLU B 163 16.72 -15.24 -24.89
CA GLU B 163 16.77 -14.60 -26.20
C GLU B 163 15.73 -13.50 -26.29
N ILE B 164 16.09 -12.42 -26.97
CA ILE B 164 15.23 -11.24 -27.06
C ILE B 164 13.91 -11.58 -27.72
N TYR B 165 12.82 -11.06 -27.15
CA TYR B 165 11.49 -11.28 -27.70
C TYR B 165 11.14 -10.20 -28.72
N GLN B 166 10.83 -10.67 -29.93
CA GLN B 166 10.48 -9.73 -31.03
C GLN B 166 8.97 -9.58 -31.15
N ALA B 167 8.47 -8.35 -31.03
CA ALA B 167 7.05 -8.09 -31.22
C ALA B 167 6.81 -7.49 -32.60
N GLY B 168 7.80 -6.77 -33.11
CA GLY B 168 7.67 -6.01 -34.35
C GLY B 168 7.86 -6.86 -35.59
N ASN B 169 7.97 -6.18 -36.74
CA ASN B 169 8.04 -6.84 -38.03
C ASN B 169 9.47 -6.89 -38.56
N LYS B 170 10.41 -6.39 -37.76
CA LYS B 170 11.82 -6.35 -38.14
C LYS B 170 12.69 -6.85 -36.99
N PRO B 171 13.78 -7.56 -37.27
CA PRO B 171 14.74 -8.07 -36.32
C PRO B 171 15.55 -6.96 -35.68
N CYS B 172 15.88 -7.15 -34.39
CA CYS B 172 16.72 -6.23 -33.64
C CYS B 172 18.07 -6.85 -33.30
N ASN B 173 18.27 -8.08 -33.77
CA ASN B 173 19.52 -8.80 -33.61
C ASN B 173 19.98 -8.89 -32.15
N GLY B 174 19.03 -9.12 -31.25
CA GLY B 174 19.35 -9.33 -29.84
C GLY B 174 19.29 -8.05 -29.01
N VAL B 175 19.20 -6.90 -29.66
CA VAL B 175 19.17 -5.63 -28.96
C VAL B 175 17.76 -5.26 -28.51
N ALA B 176 17.62 -4.93 -27.24
CA ALA B 176 16.31 -4.56 -26.71
C ALA B 176 15.96 -3.13 -27.09
N GLY B 177 15.69 -2.94 -28.37
CA GLY B 177 15.37 -1.64 -28.93
C GLY B 177 13.87 -1.53 -29.21
N PHE B 178 13.52 -0.86 -30.29
CA PHE B 178 12.12 -0.65 -30.58
C PHE B 178 11.46 -1.95 -30.99
N ASN B 179 10.32 -2.26 -30.35
CA ASN B 179 9.55 -3.48 -30.61
C ASN B 179 10.30 -4.78 -30.27
N CYS B 180 11.30 -4.68 -29.37
CA CYS B 180 12.00 -5.84 -28.80
C CYS B 180 12.03 -5.71 -27.29
N TYR B 181 11.81 -6.82 -26.60
CA TYR B 181 11.69 -6.78 -25.14
C TYR B 181 12.53 -7.86 -24.48
N SER B 182 12.98 -7.56 -23.27
CA SER B 182 13.56 -8.60 -22.43
C SER B 182 12.42 -9.43 -21.87
N PRO B 183 12.38 -10.73 -22.19
CA PRO B 183 11.28 -11.64 -21.95
C PRO B 183 11.02 -11.89 -20.49
N LEU B 184 12.04 -11.65 -19.66
CA LEU B 184 11.91 -11.89 -18.23
C LEU B 184 11.66 -10.62 -17.45
N GLN B 185 10.82 -10.74 -16.45
CA GLN B 185 10.63 -9.58 -15.59
C GLN B 185 10.98 -10.12 -14.21
N SER B 186 11.43 -9.25 -13.34
CA SER B 186 11.72 -9.61 -11.96
C SER B 186 10.55 -9.34 -11.03
N TYR B 187 10.47 -10.14 -9.98
CA TYR B 187 9.64 -9.80 -8.83
C TYR B 187 10.46 -8.86 -7.97
N GLY B 188 9.81 -8.01 -7.20
CA GLY B 188 10.53 -7.12 -6.30
C GLY B 188 9.97 -7.25 -4.90
N PHE B 189 10.09 -8.44 -4.32
CA PHE B 189 9.33 -8.74 -3.11
C PHE B 189 9.77 -7.88 -1.93
N ARG B 190 8.79 -7.31 -1.25
CA ARG B 190 9.03 -6.42 -0.11
C ARG B 190 8.07 -6.78 1.03
N PRO B 191 8.53 -6.62 2.28
CA PRO B 191 7.87 -7.04 3.51
C PRO B 191 6.54 -6.33 3.76
N THR B 192 6.30 -5.21 3.09
CA THR B 192 5.09 -4.43 3.33
C THR B 192 4.08 -4.53 2.20
N TYR B 193 4.30 -5.43 1.24
CA TYR B 193 3.34 -5.64 0.16
C TYR B 193 2.03 -6.19 0.71
N GLY B 194 0.97 -6.06 -0.07
CA GLY B 194 -0.32 -6.60 0.33
C GLY B 194 -0.31 -8.12 0.27
N VAL B 195 -1.34 -8.74 0.82
CA VAL B 195 -1.39 -10.19 0.93
C VAL B 195 -1.23 -10.88 -0.42
N GLY B 196 -1.83 -10.31 -1.46
CA GLY B 196 -1.78 -10.91 -2.80
C GLY B 196 -0.48 -10.62 -3.54
N HIS B 197 0.34 -9.72 -3.01
CA HIS B 197 1.59 -9.37 -3.67
C HIS B 197 2.81 -9.86 -2.90
N GLN B 198 2.60 -10.25 -1.65
CA GLN B 198 3.65 -10.87 -0.86
C GLN B 198 3.97 -12.20 -1.51
N PRO B 199 5.21 -12.68 -1.39
CA PRO B 199 5.70 -13.93 -1.93
C PRO B 199 5.07 -15.12 -1.26
N TYR B 200 4.75 -16.13 -2.05
CA TYR B 200 4.26 -17.39 -1.55
C TYR B 200 5.12 -18.52 -2.05
N ARG B 201 5.44 -19.44 -1.17
CA ARG B 201 6.19 -20.60 -1.54
C ARG B 201 5.24 -21.71 -1.92
N VAL B 202 5.31 -22.11 -3.18
CA VAL B 202 4.37 -23.07 -3.70
C VAL B 202 5.09 -24.37 -4.00
N VAL B 203 4.57 -25.46 -3.46
CA VAL B 203 5.06 -26.78 -3.77
C VAL B 203 3.96 -27.60 -4.39
N VAL B 204 4.14 -27.98 -5.64
CA VAL B 204 3.13 -28.76 -6.34
C VAL B 204 3.54 -30.21 -6.37
N LEU B 205 2.73 -31.07 -5.75
CA LEU B 205 3.04 -32.48 -5.68
C LEU B 205 2.28 -33.25 -6.74
N SER B 206 3.00 -33.70 -7.75
CA SER B 206 2.42 -34.46 -8.84
C SER B 206 2.67 -35.95 -8.62
N PHE B 207 1.60 -36.73 -8.64
CA PHE B 207 1.72 -38.16 -8.32
C PHE B 207 1.66 -39.01 -9.59
N GLU B 208 2.81 -39.62 -9.93
CA GLU B 208 2.95 -40.42 -11.16
C GLU B 208 2.44 -41.84 -10.94
N VAL B 216 7.74 -45.09 -4.20
CA VAL B 216 7.32 -44.17 -3.13
C VAL B 216 6.00 -44.66 -2.53
N CYS B 217 6.04 -45.13 -1.27
CA CYS B 217 4.86 -45.68 -0.60
C CYS B 217 4.63 -45.02 0.74
N GLY B 218 3.38 -44.67 1.03
CA GLY B 218 3.06 -44.08 2.31
C GLY B 218 2.84 -45.17 3.38
N VAL C 2 13.93 -36.70 22.14
CA VAL C 2 15.21 -37.02 21.51
C VAL C 2 16.36 -36.84 22.49
N GLN C 3 17.34 -37.74 22.43
CA GLN C 3 18.53 -37.69 23.28
C GLN C 3 19.78 -38.07 22.49
N LEU C 4 20.91 -37.51 22.92
CA LEU C 4 22.22 -37.87 22.38
C LEU C 4 23.16 -38.22 23.52
N VAL C 5 23.72 -39.42 23.46
CA VAL C 5 24.59 -39.91 24.53
C VAL C 5 26.03 -40.05 24.08
N GLN C 6 26.90 -39.24 24.67
CA GLN C 6 28.31 -39.24 24.31
C GLN C 6 29.17 -39.99 25.32
N SER C 7 30.37 -40.36 24.90
CA SER C 7 31.32 -41.07 25.76
C SER C 7 31.90 -40.15 26.85
N GLY C 8 32.53 -40.77 27.84
CA GLY C 8 33.11 -40.02 28.96
C GLY C 8 34.46 -39.40 28.61
N ALA C 9 35.05 -38.73 29.58
CA ALA C 9 36.29 -37.99 29.38
C ALA C 9 37.48 -38.89 29.13
N GLU C 10 38.44 -38.40 28.35
CA GLU C 10 39.68 -39.11 28.06
C GLU C 10 40.89 -38.18 28.18
N VAL C 11 42.04 -38.77 28.47
CA VAL C 11 43.31 -38.03 28.52
C VAL C 11 44.27 -38.56 27.46
N LYS C 12 44.78 -37.67 26.62
CA LYS C 12 45.65 -38.04 25.52
C LYS C 12 46.97 -37.28 25.53
N LYS C 13 48.02 -37.93 25.04
CA LYS C 13 49.30 -37.26 24.85
C LYS C 13 49.33 -36.60 23.47
N PRO C 14 50.11 -35.52 23.29
CA PRO C 14 50.30 -34.84 22.03
C PRO C 14 50.71 -35.83 20.94
N GLY C 15 50.06 -35.72 19.79
CA GLY C 15 50.34 -36.60 18.66
C GLY C 15 49.33 -37.76 18.58
N ALA C 16 48.63 -37.99 19.67
CA ALA C 16 47.62 -39.05 19.74
C ALA C 16 46.32 -38.62 19.08
N SER C 17 45.44 -39.58 18.81
CA SER C 17 44.13 -39.26 18.27
C SER C 17 43.03 -39.60 19.28
N VAL C 18 41.90 -38.91 19.17
CA VAL C 18 40.75 -39.21 20.03
C VAL C 18 39.53 -39.39 19.14
N LYS C 19 38.77 -40.45 19.39
CA LYS C 19 37.55 -40.70 18.65
C LYS C 19 36.38 -40.66 19.64
N VAL C 20 35.40 -39.81 19.36
CA VAL C 20 34.29 -39.59 20.28
C VAL C 20 33.00 -40.11 19.65
N SER C 21 32.29 -40.95 20.39
CA SER C 21 31.04 -41.53 19.91
C SER C 21 29.85 -40.66 20.30
N CYS C 22 28.70 -40.90 19.66
CA CYS C 22 27.45 -40.21 19.96
C CYS C 22 26.25 -41.07 19.58
N LYS C 23 25.62 -41.69 20.58
CA LYS C 23 24.49 -42.57 20.33
C LYS C 23 23.20 -41.77 20.30
N ALA C 24 22.45 -41.91 19.21
CA ALA C 24 21.25 -41.11 19.03
C ALA C 24 19.98 -41.96 19.07
N SER C 25 18.94 -41.42 19.68
CA SER C 25 17.64 -42.09 19.71
C SER C 25 16.49 -41.11 19.85
N GLY C 26 15.27 -41.59 19.55
CA GLY C 26 14.06 -40.80 19.69
C GLY C 26 13.59 -40.20 18.36
N TYR C 27 14.31 -40.51 17.29
CA TYR C 27 13.97 -40.01 15.96
C TYR C 27 14.55 -40.94 14.89
N PRO C 28 14.05 -40.88 13.65
CA PRO C 28 14.60 -41.52 12.47
C PRO C 28 16.04 -41.06 12.21
N PHE C 29 16.98 -41.99 12.35
CA PHE C 29 18.40 -41.67 12.27
C PHE C 29 18.80 -41.10 10.92
N THR C 30 18.30 -41.72 9.86
CA THR C 30 18.72 -41.37 8.50
C THR C 30 18.01 -40.16 7.94
N SER C 31 17.17 -39.51 8.74
CA SER C 31 16.47 -38.33 8.29
C SER C 31 17.17 -37.03 8.70
N TYR C 32 18.12 -37.12 9.63
CA TYR C 32 18.80 -35.93 10.14
C TYR C 32 20.30 -36.13 10.19
N GLY C 33 21.06 -35.07 9.94
CA GLY C 33 22.52 -35.15 9.99
C GLY C 33 23.05 -34.97 11.41
N ILE C 34 24.36 -35.17 11.56
CA ILE C 34 25.03 -34.98 12.83
C ILE C 34 26.16 -33.99 12.70
N SER C 35 26.17 -32.98 13.56
CA SER C 35 27.21 -31.97 13.55
C SER C 35 28.04 -32.06 14.81
N TRP C 36 29.27 -31.57 14.74
CA TRP C 36 30.13 -31.55 15.92
C TRP C 36 30.66 -30.15 16.18
N VAL C 37 30.60 -29.75 17.45
CA VAL C 37 31.03 -28.44 17.91
C VAL C 37 31.97 -28.56 19.10
N ARG C 38 33.08 -27.82 19.08
CA ARG C 38 34.04 -27.87 20.16
C ARG C 38 33.98 -26.62 21.03
N GLN C 39 34.17 -26.79 22.33
CA GLN C 39 34.23 -25.65 23.24
C GLN C 39 35.39 -25.74 24.23
N ALA C 40 36.45 -25.00 23.95
CA ALA C 40 37.61 -24.98 24.85
C ALA C 40 37.24 -24.23 26.13
N PRO C 41 37.89 -24.52 27.26
CA PRO C 41 37.64 -23.90 28.55
C PRO C 41 37.68 -22.38 28.45
N GLY C 42 36.61 -21.74 28.89
CA GLY C 42 36.54 -20.28 28.89
C GLY C 42 36.23 -19.69 27.51
N GLN C 43 36.02 -20.56 26.53
CA GLN C 43 35.78 -20.11 25.16
C GLN C 43 34.36 -20.34 24.71
N GLY C 44 34.06 -19.89 23.49
CA GLY C 44 32.73 -20.05 22.91
C GLY C 44 32.66 -21.31 22.05
N LEU C 45 31.66 -21.36 21.18
CA LEU C 45 31.40 -22.53 20.36
C LEU C 45 32.10 -22.45 19.00
N GLU C 46 32.85 -23.48 18.64
CA GLU C 46 33.53 -23.55 17.36
C GLU C 46 33.16 -24.79 16.57
N TRP C 47 32.61 -24.60 15.37
CA TRP C 47 32.16 -25.72 14.55
C TRP C 47 33.33 -26.51 13.97
N MET C 48 33.25 -27.84 14.06
CA MET C 48 34.28 -28.70 13.51
C MET C 48 33.90 -29.25 12.15
N GLY C 49 32.66 -29.74 12.04
CA GLY C 49 32.23 -30.37 10.80
C GLY C 49 30.82 -30.96 10.89
N TRP C 50 30.36 -31.48 9.76
CA TRP C 50 29.03 -32.07 9.62
C TRP C 50 29.07 -33.32 8.75
N ILE C 51 28.29 -34.34 9.13
CA ILE C 51 28.17 -35.54 8.32
C ILE C 51 26.71 -35.98 8.16
N SER C 52 26.37 -36.42 6.95
CA SER C 52 25.04 -36.98 6.70
C SER C 52 24.97 -38.44 7.12
N THR C 53 23.82 -38.83 7.63
CA THR C 53 23.58 -40.21 8.06
C THR C 53 22.97 -41.03 6.95
N TYR C 54 22.71 -40.40 5.81
CA TYR C 54 22.07 -41.07 4.69
C TYR C 54 23.07 -41.53 3.63
N ASN C 55 23.93 -40.63 3.19
CA ASN C 55 24.88 -40.95 2.11
C ASN C 55 26.34 -40.74 2.49
N GLY C 56 26.59 -40.35 3.73
CA GLY C 56 27.96 -40.21 4.23
C GLY C 56 28.66 -38.93 3.80
N ASN C 57 27.95 -38.03 3.14
CA ASN C 57 28.56 -36.77 2.70
C ASN C 57 29.01 -35.94 3.88
N THR C 58 30.15 -35.28 3.74
CA THR C 58 30.69 -34.46 4.83
C THR C 58 30.97 -33.02 4.44
N ASN C 59 31.09 -32.18 5.45
CA ASN C 59 31.44 -30.77 5.31
C ASN C 59 32.28 -30.34 6.52
N TYR C 60 33.53 -29.96 6.28
CA TYR C 60 34.43 -29.63 7.40
C TYR C 60 34.85 -28.17 7.41
N ALA C 61 35.07 -27.66 8.62
CA ALA C 61 35.59 -26.31 8.80
C ALA C 61 37.03 -26.22 8.35
N GLN C 62 37.40 -25.09 7.77
CA GLN C 62 38.73 -24.88 7.20
C GLN C 62 39.84 -24.94 8.24
N LYS C 63 39.47 -24.86 9.52
CA LYS C 63 40.47 -24.86 10.62
C LYS C 63 40.70 -26.28 11.11
N PHE C 64 39.91 -27.24 10.61
CA PHE C 64 40.02 -28.62 11.03
C PHE C 64 40.31 -29.58 9.88
N GLN C 65 40.17 -29.10 8.65
CA GLN C 65 40.41 -29.94 7.50
C GLN C 65 41.81 -30.53 7.54
N GLY C 66 41.89 -31.85 7.35
CA GLY C 66 43.16 -32.56 7.38
C GLY C 66 43.39 -33.26 8.72
N ARG C 67 42.65 -32.86 9.74
CA ARG C 67 42.78 -33.45 11.07
C ARG C 67 41.51 -34.18 11.49
N VAL C 68 40.36 -33.66 11.08
CA VAL C 68 39.07 -34.20 11.50
C VAL C 68 38.42 -35.07 10.44
N THR C 69 37.97 -36.24 10.87
CA THR C 69 37.23 -37.16 10.01
C THR C 69 35.97 -37.62 10.73
N MET C 70 34.95 -37.97 9.98
CA MET C 70 33.68 -38.39 10.57
C MET C 70 33.08 -39.59 9.86
N THR C 71 32.38 -40.41 10.62
CA THR C 71 31.67 -41.56 10.07
C THR C 71 30.38 -41.81 10.83
N THR C 72 29.51 -42.65 10.29
CA THR C 72 28.29 -43.02 10.97
C THR C 72 28.06 -44.52 10.88
N ASP C 73 27.32 -45.06 11.84
CA ASP C 73 26.90 -46.46 11.80
C ASP C 73 25.39 -46.55 11.98
N THR C 74 24.68 -46.73 10.88
CA THR C 74 23.23 -46.73 10.90
C THR C 74 22.67 -47.88 11.74
N SER C 75 23.33 -49.03 11.69
CA SER C 75 22.83 -50.22 12.37
C SER C 75 22.81 -50.07 13.88
N THR C 76 23.59 -49.12 14.40
CA THR C 76 23.64 -48.86 15.83
C THR C 76 23.20 -47.43 16.11
N THR C 77 22.65 -46.77 15.09
CA THR C 77 22.26 -45.37 15.15
C THR C 77 23.22 -44.55 16.01
N THR C 78 24.51 -44.66 15.69
CA THR C 78 25.56 -43.94 16.40
C THR C 78 26.49 -43.20 15.46
N GLY C 79 26.77 -41.94 15.79
CA GLY C 79 27.73 -41.15 15.02
C GLY C 79 29.11 -41.20 15.67
N TYR C 80 30.15 -40.97 14.86
CA TYR C 80 31.51 -40.93 15.38
C TYR C 80 32.31 -39.78 14.78
N MET C 81 33.16 -39.19 15.60
CA MET C 81 34.10 -38.17 15.15
C MET C 81 35.50 -38.47 15.67
N GLU C 82 36.52 -38.25 14.84
CA GLU C 82 37.89 -38.48 15.29
C GLU C 82 38.80 -37.30 14.92
N LEU C 83 39.56 -36.84 15.91
CA LEU C 83 40.52 -35.77 15.72
C LEU C 83 41.90 -36.35 15.98
N ARG C 84 42.72 -36.39 14.93
CA ARG C 84 44.06 -37.00 15.05
C ARG C 84 45.13 -35.92 15.15
N ARG C 85 46.33 -36.29 15.60
CA ARG C 85 47.44 -35.37 15.74
C ARG C 85 47.11 -34.27 16.74
N LEU C 86 46.57 -34.67 17.88
CA LEU C 86 46.16 -33.73 18.92
C LEU C 86 47.24 -32.78 19.40
N ARG C 87 46.90 -31.51 19.47
CA ARG C 87 47.76 -30.49 20.04
C ARG C 87 47.41 -30.09 21.47
N SER C 88 48.31 -29.38 22.15
CA SER C 88 48.05 -28.97 23.53
C SER C 88 46.91 -27.96 23.49
N ASP C 89 46.65 -27.40 22.32
CA ASP C 89 45.60 -26.40 22.14
C ASP C 89 44.25 -27.02 21.83
N ASP C 90 44.21 -28.35 21.75
CA ASP C 90 42.98 -29.06 21.40
C ASP C 90 42.23 -29.57 22.63
N THR C 91 42.61 -29.07 23.80
CA THR C 91 41.88 -29.43 25.02
C THR C 91 40.54 -28.71 25.04
N ALA C 92 39.46 -29.49 25.11
CA ALA C 92 38.12 -28.92 24.99
C ALA C 92 37.04 -29.93 25.30
N VAL C 93 35.82 -29.45 25.43
CA VAL C 93 34.66 -30.32 25.48
C VAL C 93 34.05 -30.43 24.08
N TYR C 94 33.94 -31.66 23.60
CA TYR C 94 33.45 -31.93 22.26
C TYR C 94 31.99 -32.33 22.28
N TYR C 95 31.19 -31.54 21.57
CA TYR C 95 29.73 -31.76 21.61
C TYR C 95 29.18 -32.37 20.32
N CYS C 96 28.21 -33.26 20.48
CA CYS C 96 27.45 -33.86 19.40
C CYS C 96 26.08 -33.19 19.31
N ALA C 97 25.63 -32.88 18.10
CA ALA C 97 24.30 -32.30 17.97
C ALA C 97 23.55 -32.82 16.74
N ARG C 98 22.22 -32.86 16.85
CA ARG C 98 21.34 -33.21 15.75
C ARG C 98 20.92 -31.94 15.04
N ASP C 99 21.35 -31.79 13.78
CA ASP C 99 21.13 -30.53 13.09
C ASP C 99 19.88 -30.53 12.25
N TYR C 100 19.39 -29.32 12.00
CA TYR C 100 18.36 -29.07 11.01
C TYR C 100 18.86 -27.91 10.16
N THR C 101 20.14 -27.96 9.79
CA THR C 101 20.77 -26.88 9.04
C THR C 101 21.09 -27.31 7.61
N ARG C 102 21.21 -28.62 7.40
CA ARG C 102 21.45 -29.13 6.07
C ARG C 102 20.71 -30.45 5.86
N GLY C 103 20.15 -30.62 4.67
CA GLY C 103 19.44 -31.85 4.37
C GLY C 103 20.38 -33.03 4.32
N ALA C 104 19.91 -34.17 4.81
CA ALA C 104 20.72 -35.37 4.82
C ALA C 104 20.73 -36.04 3.44
N TRP C 105 19.69 -35.81 2.63
CA TRP C 105 19.58 -36.48 1.34
C TRP C 105 20.05 -35.60 0.19
N PHE C 106 19.60 -34.35 0.14
CA PHE C 106 19.91 -33.50 -1.00
C PHE C 106 21.12 -32.61 -0.76
N GLY C 107 21.49 -32.40 0.50
CA GLY C 107 22.66 -31.60 0.84
C GLY C 107 22.38 -30.10 0.80
N GLU C 108 21.11 -29.72 0.68
CA GLU C 108 20.73 -28.32 0.61
C GLU C 108 20.54 -27.73 1.99
N SER C 109 20.76 -26.42 2.13
CA SER C 109 20.58 -25.75 3.41
C SER C 109 19.11 -25.72 3.83
N LEU C 110 18.88 -25.91 5.13
CA LEU C 110 17.54 -25.86 5.72
C LEU C 110 17.35 -24.67 6.65
N ILE C 111 16.10 -24.37 6.96
CA ILE C 111 15.77 -23.33 7.93
C ILE C 111 15.71 -23.94 9.33
N GLY C 112 16.76 -23.76 10.11
CA GLY C 112 16.84 -24.43 11.40
C GLY C 112 18.08 -24.08 12.19
N GLY C 113 18.55 -25.05 12.98
CA GLY C 113 19.70 -24.91 13.85
C GLY C 113 20.04 -26.27 14.44
N PHE C 114 20.84 -26.28 15.49
CA PHE C 114 21.22 -27.51 16.18
C PHE C 114 20.26 -27.71 17.35
N ASP C 115 19.33 -28.64 17.19
CA ASP C 115 18.22 -28.78 18.13
C ASP C 115 18.57 -29.61 19.35
N ASN C 116 19.16 -30.77 19.12
CA ASN C 116 19.48 -31.67 20.23
C ASN C 116 20.97 -31.78 20.44
N TRP C 117 21.40 -31.62 21.68
CA TRP C 117 22.82 -31.67 22.02
C TRP C 117 23.13 -32.78 23.02
N GLY C 118 24.31 -33.37 22.91
CA GLY C 118 24.77 -34.35 23.88
C GLY C 118 25.34 -33.66 25.10
N GLN C 119 25.80 -34.43 26.08
CA GLN C 119 26.29 -33.84 27.32
C GLN C 119 27.69 -33.24 27.18
N GLY C 120 28.43 -33.67 26.15
CA GLY C 120 29.78 -33.17 25.92
C GLY C 120 30.84 -34.13 26.42
N THR C 121 31.87 -34.36 25.60
CA THR C 121 32.97 -35.24 25.97
C THR C 121 34.24 -34.44 26.19
N LEU C 122 34.79 -34.51 27.40
CA LEU C 122 36.00 -33.75 27.70
C LEU C 122 37.26 -34.49 27.30
N VAL C 123 38.06 -33.84 26.47
CA VAL C 123 39.33 -34.43 26.04
C VAL C 123 40.49 -33.56 26.52
N THR C 124 41.37 -34.17 27.30
CA THR C 124 42.52 -33.46 27.87
C THR C 124 43.79 -33.75 27.09
N VAL C 125 44.52 -32.71 26.71
CA VAL C 125 45.78 -32.81 25.98
C VAL C 125 46.57 -31.51 26.09
N ILE D 2 32.04 -16.03 7.17
CA ILE D 2 31.38 -14.83 7.67
C ILE D 2 31.62 -14.73 9.19
N VAL D 3 31.99 -13.53 9.65
CA VAL D 3 32.31 -13.28 11.06
C VAL D 3 31.10 -12.74 11.82
N LEU D 4 30.81 -13.36 12.96
CA LEU D 4 29.70 -12.94 13.81
C LEU D 4 30.22 -12.34 15.11
N THR D 5 29.74 -11.14 15.43
CA THR D 5 30.13 -10.44 16.64
C THR D 5 28.91 -10.13 17.49
N GLN D 6 28.98 -10.43 18.78
CA GLN D 6 27.86 -10.18 19.67
C GLN D 6 28.18 -9.11 20.70
N SER D 7 27.14 -8.40 21.15
CA SER D 7 27.30 -7.31 22.10
C SER D 7 25.99 -7.01 22.84
N PRO D 8 26.09 -6.60 24.11
CA PRO D 8 27.27 -6.49 24.96
C PRO D 8 27.76 -7.85 25.46
N GLY D 9 29.03 -7.91 25.80
CA GLY D 9 29.63 -9.13 26.35
C GLY D 9 29.00 -9.55 27.68
N THR D 10 28.60 -8.58 28.50
CA THR D 10 28.05 -8.87 29.82
C THR D 10 26.76 -8.11 30.08
N LEU D 11 25.64 -8.69 29.68
CA LEU D 11 24.34 -8.06 29.87
C LEU D 11 23.74 -8.46 31.20
N SER D 12 24.39 -8.03 32.28
CA SER D 12 23.97 -8.41 33.63
C SER D 12 22.83 -7.52 34.11
N LEU D 13 21.63 -8.06 34.11
CA LEU D 13 20.42 -7.32 34.46
C LEU D 13 19.64 -8.02 35.57
N SER D 14 18.88 -7.25 36.33
CA SER D 14 18.03 -7.81 37.38
C SER D 14 16.91 -8.65 36.76
N PRO D 15 16.42 -9.67 37.46
CA PRO D 15 15.23 -10.42 37.16
C PRO D 15 14.02 -9.50 37.10
N GLY D 16 13.13 -9.76 36.14
CA GLY D 16 11.93 -8.98 35.98
C GLY D 16 12.07 -7.87 34.94
N GLU D 17 13.31 -7.62 34.52
CA GLU D 17 13.59 -6.57 33.53
C GLU D 17 13.73 -7.16 32.14
N ARG D 18 13.51 -6.33 31.12
CA ARG D 18 13.70 -6.75 29.73
C ARG D 18 15.18 -6.86 29.40
N ALA D 19 15.54 -7.90 28.66
CA ALA D 19 16.94 -8.11 28.29
C ALA D 19 17.08 -8.29 26.78
N THR D 20 17.97 -7.52 26.16
CA THR D 20 18.19 -7.64 24.72
C THR D 20 19.66 -7.86 24.38
N LEU D 21 19.90 -8.70 23.37
CA LEU D 21 21.23 -8.96 22.84
C LEU D 21 21.27 -8.72 21.34
N SER D 22 22.41 -8.24 20.85
CA SER D 22 22.57 -8.03 19.40
C SER D 22 23.66 -8.93 18.81
N CYS D 23 23.51 -9.24 17.51
CA CYS D 23 24.51 -9.97 16.73
C CYS D 23 24.67 -9.31 15.36
N ARG D 24 25.93 -9.04 15.00
CA ARG D 24 26.24 -8.37 13.75
C ARG D 24 27.16 -9.22 12.88
N ALA D 25 26.94 -9.17 11.58
CA ALA D 25 27.75 -9.96 10.64
C ALA D 25 28.59 -9.05 9.75
N SER D 26 29.79 -9.53 9.39
CA SER D 26 30.64 -8.81 8.45
C SER D 26 30.10 -8.89 7.03
N GLN D 27 29.24 -9.86 6.78
CA GLN D 27 28.59 -10.03 5.48
C GLN D 27 27.12 -10.33 5.70
N THR D 28 26.29 -10.03 4.71
CA THR D 28 24.87 -10.28 4.86
C THR D 28 24.58 -11.77 4.92
N VAL D 29 23.61 -12.12 5.75
CA VAL D 29 23.12 -13.49 5.85
C VAL D 29 21.61 -13.50 5.67
N SER D 30 21.06 -14.62 5.26
CA SER D 30 19.62 -14.73 5.09
C SER D 30 18.93 -14.96 6.43
N SER D 31 17.68 -14.54 6.53
CA SER D 31 16.90 -14.77 7.74
C SER D 31 16.65 -16.26 7.82
N THR D 32 16.87 -16.96 6.70
CA THR D 32 16.73 -18.39 6.64
C THR D 32 17.82 -19.14 7.42
N SER D 33 18.95 -18.47 7.59
CA SER D 33 20.17 -19.12 8.06
C SER D 33 20.71 -18.79 9.45
N LEU D 34 19.97 -18.03 10.26
CA LEU D 34 20.49 -17.63 11.57
C LEU D 34 19.67 -18.18 12.73
N ALA D 35 20.37 -18.54 13.80
CA ALA D 35 19.74 -19.11 14.99
C ALA D 35 20.39 -18.61 16.27
N TRP D 36 19.64 -18.67 17.37
CA TRP D 36 20.14 -18.32 18.70
C TRP D 36 20.12 -19.50 19.66
N TYR D 37 21.17 -19.60 20.48
CA TYR D 37 21.33 -20.68 21.44
C TYR D 37 21.49 -20.16 22.86
N GLN D 38 21.12 -20.98 23.85
CA GLN D 38 21.26 -20.66 25.26
C GLN D 38 22.02 -21.74 26.01
N GLN D 39 23.14 -21.37 26.66
CA GLN D 39 23.94 -22.33 27.40
C GLN D 39 23.99 -22.05 28.90
N LYS D 40 23.44 -22.97 29.68
CA LYS D 40 23.49 -22.85 31.13
C LYS D 40 24.81 -23.45 31.63
N PRO D 41 25.38 -22.94 32.71
CA PRO D 41 26.61 -23.41 33.31
C PRO D 41 26.57 -24.91 33.57
N GLY D 42 27.58 -25.61 33.07
CA GLY D 42 27.70 -27.06 33.27
C GLY D 42 26.82 -27.86 32.30
N GLN D 43 26.17 -27.18 31.36
CA GLN D 43 25.27 -27.85 30.43
C GLN D 43 25.55 -27.50 28.98
N ALA D 44 25.13 -28.39 28.08
CA ALA D 44 25.18 -28.13 26.65
C ALA D 44 24.18 -27.03 26.29
N PRO D 45 24.43 -26.26 25.24
CA PRO D 45 23.56 -25.24 24.71
C PRO D 45 22.32 -25.85 24.08
N ARG D 46 21.23 -25.08 24.06
CA ARG D 46 20.00 -25.52 23.40
C ARG D 46 19.52 -24.47 22.42
N LEU D 47 18.76 -24.90 21.42
CA LEU D 47 18.23 -24.00 20.41
C LEU D 47 17.02 -23.24 20.92
N LEU D 48 17.04 -21.93 20.80
CA LEU D 48 15.92 -21.08 21.20
C LEU D 48 15.14 -20.59 19.99
N ILE D 49 15.86 -20.00 19.04
CA ILE D 49 15.24 -19.44 17.85
C ILE D 49 15.97 -19.85 16.59
N TYR D 50 15.22 -20.22 15.57
CA TYR D 50 15.77 -20.56 14.27
C TYR D 50 15.04 -19.79 13.18
N GLY D 51 15.69 -19.62 12.03
CA GLY D 51 15.03 -18.91 10.95
C GLY D 51 14.82 -17.46 11.35
N ALA D 52 15.76 -16.93 12.14
CA ALA D 52 15.74 -15.57 12.66
C ALA D 52 14.68 -15.36 13.75
N SER D 53 13.43 -15.73 13.47
CA SER D 53 12.33 -15.41 14.38
C SER D 53 11.48 -16.59 14.86
N SER D 54 11.70 -17.79 14.32
CA SER D 54 10.84 -18.92 14.69
C SER D 54 11.28 -19.56 15.98
N ARG D 55 10.35 -19.70 16.92
CA ARG D 55 10.66 -20.27 18.23
C ARG D 55 10.75 -21.78 18.18
N ALA D 56 11.78 -22.34 18.83
CA ALA D 56 11.99 -23.77 18.88
C ALA D 56 11.01 -24.45 19.83
N THR D 57 10.73 -25.72 19.59
CA THR D 57 9.81 -26.49 20.41
C THR D 57 10.29 -26.60 21.85
N GLY D 58 9.41 -26.34 22.80
CA GLY D 58 9.72 -26.48 24.22
C GLY D 58 10.21 -25.17 24.82
N ILE D 59 10.40 -24.16 23.98
CA ILE D 59 10.90 -22.87 24.44
C ILE D 59 9.74 -21.94 24.84
N PRO D 60 9.81 -21.35 26.04
CA PRO D 60 8.89 -20.36 26.59
C PRO D 60 8.72 -19.16 25.68
N ASP D 61 7.54 -18.53 25.76
CA ASP D 61 7.20 -17.38 24.93
C ASP D 61 7.88 -16.11 25.41
N ARG D 62 8.73 -16.24 26.41
CA ARG D 62 9.55 -15.14 26.89
C ARG D 62 10.57 -14.77 25.82
N PHE D 63 10.93 -15.77 25.01
CA PHE D 63 11.97 -15.61 24.00
C PHE D 63 11.39 -15.26 22.64
N SER D 64 11.89 -14.15 22.08
CA SER D 64 11.48 -13.69 20.75
C SER D 64 12.67 -13.07 20.04
N GLY D 65 12.60 -12.98 18.72
CA GLY D 65 13.70 -12.40 17.97
C GLY D 65 13.35 -12.16 16.51
N SER D 66 14.26 -11.48 15.82
CA SER D 66 14.08 -11.13 14.42
C SER D 66 15.39 -10.63 13.84
N GLY D 67 15.43 -10.39 12.54
CA GLY D 67 16.59 -9.77 11.94
C GLY D 67 16.74 -10.07 10.47
N SER D 68 17.65 -9.35 9.81
CA SER D 68 17.93 -9.53 8.40
C SER D 68 19.28 -8.89 8.07
N GLY D 69 19.82 -9.20 6.89
CA GLY D 69 21.05 -8.55 6.47
C GLY D 69 22.18 -8.86 7.44
N THR D 70 22.72 -7.82 8.07
CA THR D 70 23.82 -7.95 9.01
C THR D 70 23.43 -7.58 10.44
N ASP D 71 22.14 -7.44 10.71
CA ASP D 71 21.69 -6.99 12.03
C ASP D 71 20.56 -7.85 12.60
N PHE D 72 20.87 -8.68 13.59
CA PHE D 72 19.90 -9.56 14.21
C PHE D 72 19.86 -9.35 15.73
N THR D 73 18.69 -9.56 16.33
CA THR D 73 18.57 -9.41 17.79
C THR D 73 17.81 -10.54 18.47
N LEU D 74 18.09 -10.72 19.76
CA LEU D 74 17.36 -11.64 20.63
C LEU D 74 16.78 -10.88 21.82
N THR D 75 15.49 -11.06 22.07
CA THR D 75 14.83 -10.36 23.17
C THR D 75 14.18 -11.29 24.17
N ILE D 76 14.40 -11.01 25.44
CA ILE D 76 13.69 -11.68 26.52
C ILE D 76 12.75 -10.66 27.17
N SER D 77 11.44 -10.91 27.06
CA SER D 77 10.46 -9.92 27.48
C SER D 77 10.53 -9.63 28.97
N ARG D 78 10.83 -10.65 29.75
CA ARG D 78 10.98 -10.53 31.19
C ARG D 78 12.01 -11.53 31.69
N LEU D 79 13.14 -10.99 32.15
CA LEU D 79 14.26 -11.86 32.58
C LEU D 79 13.85 -12.72 33.76
N GLU D 80 14.02 -14.04 33.64
CA GLU D 80 13.78 -14.93 34.77
C GLU D 80 15.10 -15.40 35.36
N PRO D 81 15.12 -15.87 36.62
CA PRO D 81 16.24 -16.47 37.31
C PRO D 81 16.89 -17.60 36.50
N GLU D 82 16.12 -18.26 35.65
CA GLU D 82 16.62 -19.38 34.86
C GLU D 82 17.16 -18.94 33.50
N ASP D 83 17.07 -17.64 33.21
CA ASP D 83 17.51 -17.12 31.92
C ASP D 83 18.93 -16.57 31.99
N PHE D 84 19.56 -16.72 33.14
CA PHE D 84 20.91 -16.22 33.32
C PHE D 84 21.92 -17.22 32.77
N ALA D 85 22.11 -17.13 31.46
CA ALA D 85 22.91 -18.08 30.70
C ALA D 85 23.73 -17.35 29.64
N VAL D 86 24.57 -18.10 28.92
CA VAL D 86 25.36 -17.53 27.85
C VAL D 86 24.70 -17.78 26.51
N TYR D 87 24.47 -16.73 25.75
CA TYR D 87 23.77 -16.84 24.49
C TYR D 87 24.69 -16.73 23.29
N TYR D 88 24.38 -17.45 22.23
CA TYR D 88 25.18 -17.42 21.01
C TYR D 88 24.32 -17.22 19.78
N CYS D 89 24.85 -16.53 18.77
CA CYS D 89 24.22 -16.45 17.44
C CYS D 89 25.01 -17.29 16.44
N GLN D 90 24.32 -17.85 15.46
CA GLN D 90 24.97 -18.68 14.45
C GLN D 90 24.71 -18.16 13.04
N GLN D 91 25.32 -18.80 12.04
CA GLN D 91 24.93 -18.64 10.65
C GLN D 91 25.40 -19.86 9.85
N HIS D 92 24.62 -20.23 8.85
CA HIS D 92 25.06 -21.28 7.93
C HIS D 92 24.81 -20.92 6.47
N ASP D 93 25.10 -19.66 6.12
CA ASP D 93 25.04 -19.22 4.74
C ASP D 93 26.34 -19.58 4.04
N THR D 94 27.44 -19.42 4.77
CA THR D 94 28.76 -19.81 4.29
C THR D 94 29.41 -20.67 5.34
N SER D 95 29.82 -21.88 4.97
CA SER D 95 30.31 -22.82 5.96
C SER D 95 29.33 -22.87 7.13
N LEU D 96 29.85 -22.81 8.34
CA LEU D 96 29.01 -22.68 9.53
C LEU D 96 29.82 -22.10 10.68
N THR D 97 29.34 -21.00 11.25
CA THR D 97 30.07 -20.34 12.34
C THR D 97 29.16 -19.91 13.49
N PHE D 98 29.80 -19.59 14.62
CA PHE D 98 29.12 -19.05 15.79
C PHE D 98 29.72 -17.71 16.19
N GLY D 99 28.94 -16.89 16.88
CA GLY D 99 29.44 -15.64 17.43
C GLY D 99 30.25 -15.88 18.70
N GLY D 100 30.83 -14.81 19.23
CA GLY D 100 31.66 -14.91 20.44
C GLY D 100 30.88 -15.38 21.66
N GLY D 101 29.63 -14.97 21.76
CA GLY D 101 28.79 -15.32 22.90
C GLY D 101 28.72 -14.19 23.91
N THR D 102 27.56 -14.07 24.57
CA THR D 102 27.36 -13.05 25.60
C THR D 102 26.75 -13.65 26.86
N LYS D 103 27.06 -13.07 28.01
CA LYS D 103 26.52 -13.54 29.30
C LYS D 103 25.49 -12.60 29.87
N VAL D 104 24.30 -13.14 30.16
CA VAL D 104 23.21 -12.34 30.71
C VAL D 104 23.11 -12.56 32.23
C1 NAG E . 9.14 -27.61 8.66
C2 NAG E . 8.23 -28.88 8.71
C3 NAG E . 7.11 -28.62 9.72
C4 NAG E . 7.72 -28.32 11.10
C5 NAG E . 8.68 -27.12 10.97
C6 NAG E . 9.38 -26.87 12.28
C7 NAG E . 7.65 -30.33 6.89
C8 NAG E . 7.05 -30.60 5.54
N2 NAG E . 7.66 -29.12 7.39
O3 NAG E . 6.26 -29.77 9.80
O4 NAG E . 6.64 -27.95 11.97
O5 NAG E . 9.69 -27.37 9.97
O6 NAG E . 10.16 -28.00 12.65
O7 NAG E . 8.15 -31.26 7.53
C1 NAG E . 6.49 -28.81 13.18
C2 NAG E . 5.64 -28.01 14.21
C3 NAG E . 5.48 -28.87 15.49
C4 NAG E . 4.81 -30.21 15.11
C5 NAG E . 5.69 -30.92 14.05
C6 NAG E . 5.09 -32.22 13.59
C7 NAG E . 5.90 -25.60 14.03
C8 NAG E . 6.61 -24.33 14.38
N2 NAG E . 6.31 -26.76 14.54
O3 NAG E . 4.70 -28.14 16.43
O4 NAG E . 4.69 -31.05 16.28
O5 NAG E . 5.87 -30.07 12.87
O6 NAG E . 3.79 -32.04 13.04
O7 NAG E . 4.93 -25.57 13.27
C1 BMA E . 3.29 -31.15 16.82
C2 BMA E . 3.14 -32.49 17.58
C3 BMA E . 1.69 -32.62 18.05
C4 BMA E . 1.38 -31.41 18.95
C5 BMA E . 1.60 -30.12 18.14
C6 BMA E . 1.34 -28.93 19.03
O2 BMA E . 4.00 -32.51 18.71
O3 BMA E . 1.51 -33.84 18.77
O4 BMA E . 0.04 -31.50 19.40
O5 BMA E . 2.97 -30.04 17.66
O6 BMA E . 1.14 -27.74 18.25
C1 MAN E . 0.72 -26.59 19.10
C2 MAN E . 0.40 -25.36 18.19
C3 MAN E . 1.72 -24.89 17.53
C4 MAN E . 2.74 -24.55 18.63
C5 MAN E . 2.98 -25.81 19.49
C6 MAN E . 3.95 -25.54 20.63
O2 MAN E . -0.17 -24.32 18.97
O3 MAN E . 1.46 -23.74 16.72
O4 MAN E . 3.96 -24.11 18.03
O5 MAN E . 1.71 -26.26 20.08
O6 MAN E . 4.36 -26.75 21.25
C1 FUC E . 10.68 -27.90 14.05
C2 FUC E . 11.08 -29.32 14.56
C3 FUC E . 12.26 -29.83 13.72
C4 FUC E . 13.43 -28.83 13.85
C5 FUC E . 12.95 -27.45 13.36
C6 FUC E . 14.04 -26.40 13.47
O2 FUC E . 9.97 -30.21 14.40
O3 FUC E . 12.68 -31.12 14.19
O4 FUC E . 13.86 -28.76 15.21
O5 FUC E . 11.79 -27.00 14.14
C1 NAG F . -9.76 -6.24 -25.17
C2 NAG F . -10.92 -7.21 -25.61
C3 NAG F . -11.49 -7.90 -24.35
C4 NAG F . -10.34 -8.66 -23.64
C5 NAG F . -9.23 -7.66 -23.28
C6 NAG F . -8.04 -8.35 -22.61
C7 NAG F . -12.08 -6.37 -27.57
C8 NAG F . -13.18 -5.56 -28.20
N2 NAG F . -11.99 -6.42 -26.24
O3 NAG F . -12.52 -8.82 -24.72
O4 NAG F . -10.85 -9.28 -22.47
O5 NAG F . -8.74 -6.99 -24.48
O6 NAG F . -7.31 -7.44 -21.79
O7 NAG F . -11.27 -6.96 -28.28
C1 NAG G . 13.68 8.88 10.92
C2 NAG G . 13.82 7.46 11.59
C3 NAG G . 15.23 7.36 12.22
C4 NAG G . 16.28 7.57 11.11
C5 NAG G . 16.06 8.96 10.46
C6 NAG G . 17.02 9.24 9.32
C7 NAG G . 12.02 6.25 12.68
C8 NAG G . 10.97 6.13 13.74
N2 NAG G . 12.80 7.33 12.63
O3 NAG G . 15.40 6.07 12.81
O4 NAG G . 17.58 7.49 11.68
O5 NAG G . 14.70 9.04 9.92
O6 NAG G . 18.35 9.43 9.79
O7 NAG G . 12.15 5.36 11.84
C1 NAG H . -14.44 -8.22 9.31
C2 NAG H . -15.50 -9.17 8.65
C3 NAG H . -16.59 -9.50 9.69
C4 NAG H . -15.91 -10.19 10.90
C5 NAG H . -14.87 -9.22 11.49
C6 NAG H . -14.13 -9.84 12.67
C7 NAG H . -15.80 -8.82 6.27
C8 NAG H . -16.42 -8.11 5.11
N2 NAG H . -16.11 -8.46 7.51
O3 NAG H . -17.55 -10.39 9.10
O4 NAG H . -16.90 -10.48 11.88
O5 NAG H . -13.87 -8.88 10.47
O6 NAG H . -13.25 -8.91 13.27
O7 NAG H . -15.00 -9.74 6.06
C1 NAG I . 4.09 13.45 -29.46
C2 NAG I . 2.88 13.55 -30.44
C3 NAG I . 3.14 12.65 -31.67
C4 NAG I . 4.45 13.10 -32.35
C5 NAG I . 5.61 13.00 -31.32
C6 NAG I . 6.93 13.46 -31.91
C7 NAG I . 0.82 13.90 -29.21
C8 NAG I . -0.42 13.42 -28.50
N2 NAG I . 1.67 13.05 -29.75
O3 NAG I . 2.05 12.75 -32.60
O4 NAG I . 4.72 12.25 -33.47
O5 NAG I . 5.30 13.83 -30.16
O6 NAG I . 6.86 14.80 -32.39
O7 NAG I . 1.03 15.12 -29.28
C1 NAG J . 17.31 -26.18 -9.06
C2 NAG J . 18.04 -25.69 -7.76
C3 NAG J . 19.55 -25.98 -7.91
C4 NAG J . 19.75 -27.49 -8.13
C5 NAG J . 18.98 -27.91 -9.40
C6 NAG J . 19.09 -29.41 -9.64
C7 NAG J . 17.41 -23.75 -6.45
C8 NAG J . 17.20 -22.27 -6.29
N2 NAG J . 17.83 -24.25 -7.60
O3 NAG J . 20.24 -25.56 -6.74
O4 NAG J . 21.14 -27.76 -8.29
O5 NAG J . 17.56 -27.58 -9.25
O6 NAG J . 18.51 -29.78 -10.89
O7 NAG J . 17.18 -24.49 -5.49
#